data_3L4K
#
_entry.id   3L4K
#
_cell.length_a   86.064
_cell.length_b   91.851
_cell.length_c   115.939
_cell.angle_alpha   90.00
_cell.angle_beta   90.00
_cell.angle_gamma   90.00
#
_symmetry.space_group_name_H-M   'P 21 2 21'
#
loop_
_entity.id
_entity.type
_entity.pdbx_description
1 polymer 'DNA topoisomerase 2'
2 polymer "DNA (5'-D(P*CP*CP*TP*AP*CP*TP*GP*CP*TP*AP*C)-3')"
3 polymer "DNA (5'-D(*CP*GP*CP*GP*GP*TP*AP*GP*CP*AP*GP*TP*AP*GP*G)-3')"
4 polymer "DNA (5'-D(P*GP*GP*AP*TP*GP*AP*CP*GP*AP*TP*)-3')"
5 polymer "DNA (5'-D(*CP*GP*CP*GP*AP*AP*TP*CP*GP*TP*CP*AP*TP*CP*C)-3')"
6 non-polymer 'ZINC ION'
7 non-polymer "3'-THIO-THYMIDINE-5'-PHOSPHATE"
8 water water
#
loop_
_entity_poly.entity_id
_entity_poly.type
_entity_poly.pdbx_seq_one_letter_code
_entity_poly.pdbx_strand_id
1 'polypeptide(L)'
;SRITNYPKLEDANKAGTKEGYKCTLVLTEGDSALSLAVAGLAVVGRDYYGCYPLRGKMLNVREASADQILKNAEIQAIKK
IMGLQHRKKYEDTKSLRYGHLMIMTDQDHDGSHIKGLIINFLESSFPGLLDIQGFLLEFITPIIKVSITKPTKNTIAFYN
MPDYEKWREEESHKFTWKQKYYKGLGTSLAQEVREYFSNLDRHLKIFHSLQGNDKDYIDLAFSKKKADDRKEWLRQYEPG
TVLDPTLKEIPISDFINKELILFSLADNIRSIPNVLDGFKPGQRKVLYGCFKKNLKSELKVAQLAPYVSECTAYHHGEQS
LAQTIIGLAQNFVGSNNIYLLLPNGAFGTRATGGKDAAAAR(PTR)IYTELNKLTRKIFHPADDPLYKYIQEDEKTVEPE
WYLPILPMILVNGAEGIGTGWSTYIPPFNPLEIIKNIRHLMNDEELEQMHPWFRGWTGTIEEIEPLRYRMYGRIEQIGDN
VLEITELPARTWTSTIKEYLLLGLSGNDKIKPWIKDMEEQHDDNIKFIITLSPEEMAKTRKIGFYERFKLISPISLMNMV
AFDPHGKIKKYNSVNEILSEFYYVRLEYYQKRKDHMSERLQWEVEKYSFQVKFIKMIIEKELTVTNKPRNAIIQELENLG
FPRFNKEGKPYYGSPNDEIAEQINDVKGATSDEEDEESSHEDTENVINGPEELYGTYEYLLGMRIWSLTKERYQKLLKQK
QEKETELENLLKLSAKDIWNTDLKAFEVGYQEFLQRDAEAR
;
A
2 'polydeoxyribonucleotide' (DC)(DC)(DT)(DA)(DC)(DT)(DG)(DC)(DT)(DA)(DC) B
3 'polydeoxyribonucleotide' (DC)(DG)(DC)(DG)(DG)(DT)(DA)(DG)(DC)(DA)(DG)(DT)(DA)(DG)(DG) C
4 'polydeoxyribonucleotide' (DG)(DG)(DA)(DT)(DG)(DA)(DC)(DG)(DA)(DT) D
5 'polydeoxyribonucleotide' (DC)(DG)(DC)(DG)(DA)(DA)(DT)(DC)(DG)(DT)(DC)(DA)(DT)(DC)(DC) E
#
loop_
_chem_comp.id
_chem_comp.type
_chem_comp.name
_chem_comp.formula
DA DNA linking 2'-DEOXYADENOSINE-5'-MONOPHOSPHATE 'C10 H14 N5 O6 P'
DC DNA linking 2'-DEOXYCYTIDINE-5'-MONOPHOSPHATE 'C9 H14 N3 O7 P'
DG DNA linking 2'-DEOXYGUANOSINE-5'-MONOPHOSPHATE 'C10 H14 N5 O7 P'
DT DNA linking THYMIDINE-5'-MONOPHOSPHATE 'C10 H15 N2 O8 P'
TSP DNA linking 3'-THIO-THYMIDINE-5'-PHOSPHATE 'C10 H15 N2 O7 P S'
ZN non-polymer 'ZINC ION' 'Zn 2'
#
# COMPACT_ATOMS: atom_id res chain seq x y z
N SER A 1 -39.88 -16.47 22.02
CA SER A 1 -38.61 -17.06 22.43
C SER A 1 -37.45 -16.13 22.14
N ARG A 2 -36.52 -16.02 23.08
CA ARG A 2 -35.37 -15.13 22.93
C ARG A 2 -34.06 -15.90 22.80
N ILE A 3 -33.04 -15.24 22.27
CA ILE A 3 -31.71 -15.83 22.14
C ILE A 3 -30.88 -15.52 23.39
N THR A 4 -29.88 -16.34 23.64
CA THR A 4 -28.99 -16.14 24.79
C THR A 4 -27.53 -16.14 24.37
N ASN A 5 -27.21 -16.99 23.40
CA ASN A 5 -25.82 -17.18 22.94
C ASN A 5 -25.07 -15.89 22.63
N TYR A 6 -25.77 -14.89 22.10
CA TYR A 6 -25.09 -13.70 21.58
C TYR A 6 -25.51 -12.40 22.26
N PRO A 7 -24.62 -11.89 23.11
CA PRO A 7 -24.81 -10.62 23.83
C PRO A 7 -24.83 -9.34 22.98
N LYS A 8 -23.94 -9.21 22.01
CA LYS A 8 -23.85 -8.01 21.21
C LYS A 8 -25.09 -7.85 20.35
N LEU A 9 -25.87 -8.92 20.27
CA LEU A 9 -27.06 -8.92 19.43
C LEU A 9 -28.17 -8.04 19.99
N GLU A 10 -28.57 -7.04 19.24
CA GLU A 10 -29.76 -6.30 19.56
C GLU A 10 -30.89 -6.96 18.81
N ASP A 11 -31.45 -7.98 19.42
CA ASP A 11 -32.54 -8.75 18.82
C ASP A 11 -33.83 -7.94 18.72
N ALA A 12 -34.43 -7.95 17.52
CA ALA A 12 -35.70 -7.27 17.31
C ALA A 12 -36.78 -7.87 18.20
N ASN A 13 -37.63 -7.01 18.74
CA ASN A 13 -38.67 -7.44 19.67
C ASN A 13 -39.56 -8.55 19.12
N LYS A 14 -39.91 -8.45 17.84
CA LYS A 14 -40.80 -9.43 17.22
C LYS A 14 -40.06 -10.38 16.29
N ALA A 15 -38.85 -10.78 16.70
CA ALA A 15 -38.04 -11.69 15.90
C ALA A 15 -38.41 -13.14 16.17
N GLY A 16 -38.55 -13.91 15.09
CA GLY A 16 -38.91 -15.31 15.20
C GLY A 16 -40.39 -15.52 15.42
N THR A 17 -41.00 -14.47 15.99
CA THR A 17 -42.43 -14.37 16.27
C THR A 17 -43.25 -14.26 14.98
N LYS A 18 -44.57 -14.30 15.13
CA LYS A 18 -45.49 -14.45 14.01
C LYS A 18 -45.18 -13.38 12.97
N GLU A 19 -44.42 -12.37 13.38
CA GLU A 19 -44.06 -11.27 12.49
C GLU A 19 -42.60 -11.35 12.06
N GLY A 20 -42.03 -12.55 12.12
CA GLY A 20 -40.64 -12.76 11.75
C GLY A 20 -40.34 -12.27 10.34
N TYR A 21 -41.23 -12.60 9.41
CA TYR A 21 -41.06 -12.23 8.01
C TYR A 21 -40.99 -10.70 7.84
N LYS A 22 -41.50 -9.98 8.82
CA LYS A 22 -41.51 -8.52 8.78
C LYS A 22 -40.21 -7.94 9.31
N CYS A 23 -39.63 -8.60 10.29
CA CYS A 23 -38.43 -8.12 10.97
C CYS A 23 -37.22 -8.10 10.04
N THR A 24 -36.28 -7.19 10.30
CA THR A 24 -35.07 -7.08 9.51
C THR A 24 -33.83 -7.18 10.40
N LEU A 25 -32.83 -7.93 9.95
CA LEU A 25 -31.57 -8.03 10.68
C LEU A 25 -30.46 -7.26 9.98
N VAL A 26 -29.88 -6.31 10.68
CA VAL A 26 -28.83 -5.47 10.12
C VAL A 26 -27.44 -6.03 10.44
N LEU A 27 -26.75 -6.55 9.43
CA LEU A 27 -25.39 -7.04 9.60
C LEU A 27 -24.41 -5.90 9.37
N THR A 28 -23.77 -5.47 10.45
CA THR A 28 -22.83 -4.34 10.38
C THR A 28 -21.40 -4.81 10.13
N GLU A 29 -20.61 -3.90 9.59
CA GLU A 29 -19.20 -4.15 9.45
C GLU A 29 -18.56 -3.44 10.61
N GLY A 30 -18.17 -4.22 11.60
CA GLY A 30 -17.44 -3.68 12.73
C GLY A 30 -18.35 -3.01 13.72
N ASP A 31 -17.79 -2.59 14.86
CA ASP A 31 -18.56 -1.94 15.91
C ASP A 31 -18.79 -0.47 15.60
N SER A 32 -17.91 0.10 14.79
CA SER A 32 -18.09 1.46 14.33
C SER A 32 -19.38 1.53 13.53
N ALA A 33 -19.62 0.49 12.72
CA ALA A 33 -20.85 0.36 11.98
C ALA A 33 -22.00 0.03 12.92
N LEU A 34 -21.73 -0.85 13.87
CA LEU A 34 -22.76 -1.30 14.81
C LEU A 34 -23.34 -0.15 15.63
N SER A 35 -22.49 0.80 15.97
CA SER A 35 -22.90 1.89 16.81
C SER A 35 -24.01 2.65 16.13
N LEU A 36 -23.82 2.85 14.84
CA LEU A 36 -24.78 3.52 13.97
C LEU A 36 -26.08 2.76 13.84
N ALA A 37 -25.98 1.46 13.74
CA ALA A 37 -27.13 0.59 13.58
C ALA A 37 -28.02 0.63 14.81
N VAL A 38 -27.41 0.57 15.99
CA VAL A 38 -28.15 0.62 17.24
C VAL A 38 -28.70 2.03 17.49
N ALA A 39 -28.01 3.03 16.94
CA ALA A 39 -28.46 4.42 17.05
C ALA A 39 -29.66 4.64 16.14
N GLY A 40 -29.74 3.87 15.06
CA GLY A 40 -30.84 3.95 14.13
C GLY A 40 -32.09 3.26 14.67
N LEU A 41 -31.88 2.37 15.64
CA LEU A 41 -32.98 1.66 16.27
C LEU A 41 -33.89 2.63 17.03
N ALA A 42 -33.30 3.68 17.57
CA ALA A 42 -34.04 4.69 18.31
C ALA A 42 -34.96 5.49 17.39
N VAL A 43 -34.81 5.26 16.09
CA VAL A 43 -35.58 6.01 15.09
C VAL A 43 -36.60 5.12 14.36
N VAL A 44 -36.24 3.86 14.14
CA VAL A 44 -37.10 2.95 13.38
C VAL A 44 -37.76 1.88 14.24
N GLY A 45 -37.50 1.92 15.54
CA GLY A 45 -38.14 1.01 16.48
C GLY A 45 -37.50 -0.36 16.55
N ARG A 46 -37.49 -0.96 17.73
CA ARG A 46 -36.91 -2.28 17.95
C ARG A 46 -37.84 -3.40 17.52
N ASP A 47 -39.10 -3.09 17.30
CA ASP A 47 -40.08 -4.13 17.06
C ASP A 47 -39.74 -4.93 15.82
N TYR A 48 -39.35 -4.23 14.76
CA TYR A 48 -39.07 -4.89 13.50
C TYR A 48 -37.63 -4.78 13.01
N TYR A 49 -36.75 -4.28 13.87
CA TYR A 49 -35.35 -4.14 13.53
C TYR A 49 -34.40 -4.71 14.57
N GLY A 50 -33.38 -5.42 14.09
CA GLY A 50 -32.32 -5.91 14.95
C GLY A 50 -31.00 -5.79 14.22
N CYS A 51 -29.89 -5.81 14.96
CA CYS A 51 -28.58 -5.69 14.35
C CYS A 51 -27.52 -6.53 15.05
N TYR A 52 -26.63 -7.12 14.24
CA TYR A 52 -25.55 -7.94 14.76
C TYR A 52 -24.27 -7.65 13.98
N PRO A 53 -23.15 -7.45 14.69
CA PRO A 53 -21.88 -7.07 14.06
C PRO A 53 -21.16 -8.24 13.40
N LEU A 54 -20.68 -8.04 12.19
CA LEU A 54 -19.69 -8.93 11.61
C LEU A 54 -18.28 -8.48 12.00
N ARG A 55 -17.56 -9.48 12.58
CA ARG A 55 -16.22 -9.19 13.10
C ARG A 55 -15.23 -8.73 12.04
N GLY A 56 -15.16 -9.38 10.97
CA GLY A 56 -14.11 -9.29 9.97
C GLY A 56 -14.57 -9.67 8.58
N LYS A 57 -13.63 -9.76 7.65
CA LYS A 57 -13.97 -10.25 6.34
C LYS A 57 -14.54 -11.62 6.62
N MET A 58 -15.63 -11.91 5.95
CA MET A 58 -16.37 -13.16 6.12
C MET A 58 -15.71 -14.35 5.47
N LEU A 59 -15.96 -15.53 5.99
CA LEU A 59 -15.43 -16.73 5.37
C LEU A 59 -16.05 -16.97 4.02
N ASN A 60 -15.24 -17.41 3.08
CA ASN A 60 -15.72 -17.82 1.76
C ASN A 60 -16.18 -19.27 1.81
N VAL A 61 -17.49 -19.47 1.81
CA VAL A 61 -18.08 -20.79 2.00
C VAL A 61 -17.84 -21.75 0.83
N ARG A 62 -17.13 -21.28 -0.19
CA ARG A 62 -16.79 -22.13 -1.32
C ARG A 62 -15.39 -22.72 -1.15
N GLU A 63 -15.30 -24.02 -1.34
CA GLU A 63 -14.07 -24.71 -1.12
C GLU A 63 -13.68 -24.64 0.35
N ALA A 64 -14.65 -24.72 1.24
CA ALA A 64 -14.39 -24.80 2.67
C ALA A 64 -14.94 -26.09 3.25
N SER A 65 -14.15 -26.78 4.06
CA SER A 65 -14.57 -28.01 4.71
C SER A 65 -15.73 -27.74 5.68
N ALA A 66 -16.69 -28.66 5.70
CA ALA A 66 -17.85 -28.55 6.58
C ALA A 66 -17.38 -28.31 8.01
N ASP A 67 -16.18 -28.82 8.32
CA ASP A 67 -15.54 -28.57 9.61
C ASP A 67 -15.13 -27.13 9.83
N GLN A 68 -14.55 -26.51 8.80
CA GLN A 68 -14.13 -25.12 8.86
C GLN A 68 -15.31 -24.17 8.97
N ILE A 69 -16.35 -24.45 8.21
CA ILE A 69 -17.58 -23.65 8.25
C ILE A 69 -18.23 -23.75 9.63
N LEU A 70 -18.34 -24.98 10.13
CA LEU A 70 -18.96 -25.22 11.42
C LEU A 70 -18.13 -24.59 12.54
N LYS A 71 -16.82 -24.53 12.34
CA LYS A 71 -15.91 -23.97 13.33
C LYS A 71 -16.00 -22.45 13.40
N ASN A 72 -16.43 -21.84 12.30
CA ASN A 72 -16.56 -20.38 12.23
C ASN A 72 -17.75 -19.88 13.03
N ALA A 73 -17.49 -19.38 14.24
CA ALA A 73 -18.54 -18.88 15.11
C ALA A 73 -19.36 -17.79 14.44
N GLU A 74 -18.71 -16.99 13.60
CA GLU A 74 -19.38 -15.91 12.89
C GLU A 74 -20.55 -16.42 12.05
N ILE A 75 -20.25 -17.35 11.14
CA ILE A 75 -21.28 -17.94 10.29
C ILE A 75 -22.38 -18.61 11.10
N GLN A 76 -21.98 -19.33 12.15
CA GLN A 76 -22.93 -20.01 13.01
C GLN A 76 -23.81 -19.00 13.75
N ALA A 77 -23.23 -17.86 14.08
CA ALA A 77 -23.97 -16.80 14.77
C ALA A 77 -25.13 -16.30 13.92
N ILE A 78 -24.87 -16.15 12.62
CA ILE A 78 -25.89 -15.69 11.70
C ILE A 78 -27.00 -16.73 11.50
N LYS A 79 -26.61 -17.99 11.37
CA LYS A 79 -27.59 -19.03 11.13
C LYS A 79 -28.57 -19.04 12.28
N LYS A 80 -28.06 -18.84 13.49
CA LYS A 80 -28.87 -18.98 14.69
C LYS A 80 -29.76 -17.77 14.96
N ILE A 81 -29.27 -16.58 14.61
CA ILE A 81 -30.04 -15.37 14.80
C ILE A 81 -31.13 -15.24 13.73
N MET A 82 -30.84 -15.78 12.54
CA MET A 82 -31.79 -15.74 11.44
C MET A 82 -32.66 -17.00 11.42
N GLY A 83 -32.31 -17.97 12.26
CA GLY A 83 -33.01 -19.24 12.29
C GLY A 83 -32.94 -19.93 10.94
N LEU A 84 -31.73 -20.00 10.39
CA LEU A 84 -31.51 -20.55 9.07
C LEU A 84 -31.04 -22.00 9.11
N GLN A 85 -31.41 -22.75 8.07
CA GLN A 85 -31.00 -24.15 7.91
C GLN A 85 -30.83 -24.45 6.43
N HIS A 86 -30.21 -25.58 6.11
CA HIS A 86 -29.99 -25.96 4.72
C HIS A 86 -31.24 -26.59 4.10
N ARG A 87 -31.83 -27.55 4.80
CA ARG A 87 -32.60 -28.61 4.17
C ARG A 87 -33.62 -28.07 3.16
N LYS A 88 -33.65 -28.77 2.04
CA LYS A 88 -34.38 -28.49 0.82
C LYS A 88 -34.07 -27.15 0.17
N LYS A 89 -35.10 -26.49 -0.33
CA LYS A 89 -34.96 -25.18 -0.96
C LYS A 89 -35.94 -24.19 -0.33
N TYR A 90 -35.44 -23.01 0.01
CA TYR A 90 -36.31 -22.04 0.63
C TYR A 90 -37.36 -21.58 -0.36
N GLU A 91 -38.60 -21.59 0.09
CA GLU A 91 -39.73 -21.06 -0.66
C GLU A 91 -40.20 -19.71 -0.11
N ASP A 92 -40.33 -19.63 1.21
CA ASP A 92 -40.77 -18.40 1.87
C ASP A 92 -39.91 -18.11 3.09
N THR A 93 -39.89 -16.84 3.49
CA THR A 93 -39.12 -16.41 4.66
C THR A 93 -39.90 -16.67 5.95
N LYS A 94 -40.95 -17.49 5.84
CA LYS A 94 -41.84 -17.76 6.96
C LYS A 94 -41.15 -18.58 8.05
N SER A 95 -40.22 -19.44 7.64
CA SER A 95 -39.57 -20.35 8.57
C SER A 95 -38.37 -19.70 9.28
N LEU A 96 -38.24 -18.39 9.14
CA LEU A 96 -37.08 -17.69 9.66
C LEU A 96 -37.39 -16.77 10.83
N ARG A 97 -36.37 -16.47 11.63
CA ARG A 97 -36.49 -15.51 12.72
C ARG A 97 -36.71 -14.11 12.16
N TYR A 98 -36.05 -13.84 11.04
CA TYR A 98 -36.20 -12.57 10.35
C TYR A 98 -36.66 -12.79 8.91
N GLY A 99 -37.29 -11.78 8.33
CA GLY A 99 -37.78 -11.88 6.96
C GLY A 99 -36.97 -11.04 6.01
N HIS A 100 -36.03 -10.28 6.55
CA HIS A 100 -35.17 -9.42 5.74
C HIS A 100 -33.77 -9.33 6.33
N LEU A 101 -32.78 -9.21 5.46
CA LEU A 101 -31.39 -9.08 5.90
C LEU A 101 -30.74 -7.86 5.26
N MET A 102 -30.34 -6.90 6.08
CA MET A 102 -29.73 -5.69 5.58
C MET A 102 -28.25 -5.65 5.85
N ILE A 103 -27.50 -5.19 4.87
CA ILE A 103 -26.04 -5.17 4.95
C ILE A 103 -25.52 -3.75 5.15
N MET A 104 -24.84 -3.52 6.27
CA MET A 104 -24.27 -2.20 6.57
C MET A 104 -22.76 -2.23 6.57
N THR A 105 -22.15 -1.82 5.47
CA THR A 105 -20.70 -1.77 5.34
C THR A 105 -20.22 -0.33 5.20
N ASP A 106 -18.92 -0.13 5.33
CA ASP A 106 -18.35 1.19 5.42
C ASP A 106 -18.78 1.97 4.19
N GLN A 107 -18.98 1.23 3.10
CA GLN A 107 -19.19 1.83 1.79
C GLN A 107 -17.87 2.10 1.06
N ASP A 108 -16.80 1.49 1.56
CA ASP A 108 -15.48 1.56 0.94
C ASP A 108 -15.31 0.31 0.15
N HIS A 109 -14.21 0.16 -0.56
CA HIS A 109 -13.99 -1.01 -1.41
C HIS A 109 -14.06 -2.32 -0.63
N ASP A 110 -13.40 -2.36 0.52
CA ASP A 110 -13.44 -3.54 1.38
C ASP A 110 -14.86 -3.81 1.87
N GLY A 111 -15.63 -2.75 2.06
CA GLY A 111 -17.03 -2.88 2.44
C GLY A 111 -17.81 -3.60 1.36
N SER A 112 -17.48 -3.31 0.10
CA SER A 112 -18.10 -3.97 -1.03
C SER A 112 -17.76 -5.46 -1.05
N HIS A 113 -16.54 -5.78 -0.65
CA HIS A 113 -16.09 -7.17 -0.60
C HIS A 113 -16.84 -7.94 0.47
N ILE A 114 -17.13 -7.27 1.58
CA ILE A 114 -17.92 -7.86 2.65
C ILE A 114 -19.30 -8.25 2.12
N LYS A 115 -19.95 -7.31 1.45
CA LYS A 115 -21.24 -7.55 0.84
C LYS A 115 -21.20 -8.79 -0.04
N GLY A 116 -20.27 -8.79 -1.00
CA GLY A 116 -20.11 -9.91 -1.91
C GLY A 116 -19.94 -11.23 -1.19
N LEU A 117 -19.22 -11.21 -0.09
CA LEU A 117 -19.00 -12.42 0.71
C LEU A 117 -20.29 -12.87 1.37
N ILE A 118 -21.08 -11.93 1.86
CA ILE A 118 -22.37 -12.24 2.45
C ILE A 118 -23.28 -12.86 1.38
N ILE A 119 -23.40 -12.18 0.26
CA ILE A 119 -24.17 -12.67 -0.87
C ILE A 119 -23.72 -14.07 -1.25
N ASN A 120 -22.41 -14.22 -1.45
CA ASN A 120 -21.82 -15.51 -1.78
C ASN A 120 -22.20 -16.57 -0.75
N PHE A 121 -22.17 -16.16 0.52
CA PHE A 121 -22.52 -17.02 1.64
C PHE A 121 -23.96 -17.47 1.66
N LEU A 122 -24.87 -16.54 1.36
CA LEU A 122 -26.30 -16.83 1.29
C LEU A 122 -26.63 -17.72 0.09
N GLU A 123 -26.13 -17.33 -1.07
CA GLU A 123 -26.39 -18.06 -2.30
C GLU A 123 -25.88 -19.49 -2.23
N SER A 124 -24.76 -19.68 -1.54
CA SER A 124 -24.11 -20.99 -1.47
C SER A 124 -24.72 -21.89 -0.39
N SER A 125 -24.85 -21.33 0.81
CA SER A 125 -25.40 -22.02 1.96
C SER A 125 -26.87 -22.41 1.83
N PHE A 126 -27.66 -21.51 1.27
CA PHE A 126 -29.12 -21.61 1.31
C PHE A 126 -29.75 -21.50 -0.08
N PRO A 127 -30.11 -22.64 -0.66
CA PRO A 127 -30.76 -22.62 -1.96
C PRO A 127 -32.11 -21.93 -1.88
N GLY A 128 -32.36 -21.06 -2.85
CA GLY A 128 -33.64 -20.41 -2.99
C GLY A 128 -33.80 -19.23 -2.06
N LEU A 129 -32.79 -18.99 -1.24
CA LEU A 129 -32.84 -17.89 -0.29
C LEU A 129 -32.88 -16.54 -0.97
N LEU A 130 -32.05 -16.38 -1.99
CA LEU A 130 -31.95 -15.10 -2.69
C LEU A 130 -32.95 -15.01 -3.83
N ASP A 131 -33.67 -16.09 -4.08
CA ASP A 131 -34.77 -16.09 -5.01
C ASP A 131 -35.87 -15.17 -4.52
N ILE A 132 -36.13 -15.24 -3.22
CA ILE A 132 -37.19 -14.47 -2.59
C ILE A 132 -36.96 -12.97 -2.78
N GLN A 133 -37.84 -12.33 -3.55
CA GLN A 133 -37.71 -10.92 -3.86
C GLN A 133 -37.79 -10.05 -2.61
N GLY A 134 -36.89 -9.08 -2.51
CA GLY A 134 -36.90 -8.12 -1.42
C GLY A 134 -36.41 -8.67 -0.10
N PHE A 135 -35.56 -9.69 -0.16
CA PHE A 135 -35.01 -10.28 1.06
C PHE A 135 -33.70 -9.60 1.46
N LEU A 136 -32.80 -9.46 0.49
CA LEU A 136 -31.50 -8.85 0.76
C LEU A 136 -31.56 -7.33 0.62
N LEU A 137 -31.05 -6.63 1.63
CA LEU A 137 -31.07 -5.18 1.65
C LEU A 137 -29.68 -4.61 1.87
N GLU A 138 -29.48 -3.37 1.46
CA GLU A 138 -28.18 -2.72 1.56
C GLU A 138 -28.32 -1.27 2.01
N PHE A 139 -27.67 -0.94 3.13
CA PHE A 139 -27.66 0.44 3.61
C PHE A 139 -26.42 1.15 3.11
N ILE A 140 -26.61 2.31 2.48
CA ILE A 140 -25.49 3.03 1.90
C ILE A 140 -25.33 4.43 2.50
N THR A 141 -24.07 4.87 2.61
CA THR A 141 -23.77 6.21 3.09
C THR A 141 -22.83 6.92 2.11
N PRO A 142 -22.72 8.24 2.21
CA PRO A 142 -21.90 9.03 1.28
C PRO A 142 -20.38 8.80 1.40
N ILE A 143 -19.67 8.90 0.28
CA ILE A 143 -18.22 8.73 0.28
C ILE A 143 -17.52 10.05 0.56
N ILE A 144 -17.92 11.12 -0.13
CA ILE A 144 -17.30 12.41 0.05
C ILE A 144 -18.32 13.51 0.30
N LYS A 145 -18.20 14.16 1.44
CA LYS A 145 -19.07 15.29 1.78
C LYS A 145 -18.36 16.59 1.47
N VAL A 146 -18.68 17.19 0.33
CA VAL A 146 -18.06 18.44 -0.10
C VAL A 146 -18.76 19.65 0.53
N SER A 147 -17.97 20.61 0.98
CA SER A 147 -18.52 21.82 1.59
C SER A 147 -18.08 23.06 0.83
N ILE A 148 -19.03 23.72 0.18
CA ILE A 148 -18.75 24.97 -0.52
C ILE A 148 -18.68 26.13 0.48
N THR A 149 -17.52 26.77 0.56
CA THR A 149 -17.23 27.71 1.64
C THR A 149 -17.53 29.18 1.32
N LYS A 150 -16.93 29.68 0.24
CA LYS A 150 -17.00 31.11 -0.11
C LYS A 150 -18.20 31.42 -1.03
N PRO A 151 -18.25 30.79 -2.20
CA PRO A 151 -19.28 31.14 -3.21
C PRO A 151 -20.84 31.02 -3.14
N THR A 152 -21.39 29.85 -2.78
CA THR A 152 -22.82 29.65 -2.59
C THR A 152 -22.77 28.37 -1.78
N LYS A 153 -23.25 28.43 -0.54
CA LYS A 153 -23.08 27.31 0.39
C LYS A 153 -24.11 26.18 0.21
N ASN A 154 -23.60 25.01 -0.15
CA ASN A 154 -24.39 23.79 -0.25
C ASN A 154 -23.49 22.56 -0.18
N THR A 155 -23.93 21.53 0.53
CA THR A 155 -23.12 20.34 0.70
C THR A 155 -23.53 19.22 -0.26
N ILE A 156 -22.55 18.63 -0.93
CA ILE A 156 -22.82 17.57 -1.90
C ILE A 156 -22.33 16.21 -1.38
N ALA A 157 -23.12 15.18 -1.63
CA ALA A 157 -22.76 13.82 -1.22
C ALA A 157 -22.59 12.90 -2.43
N PHE A 158 -21.39 12.35 -2.56
CA PHE A 158 -21.11 11.41 -3.65
C PHE A 158 -20.95 9.99 -3.11
N TYR A 159 -21.61 9.04 -3.76
CA TYR A 159 -21.63 7.66 -3.27
C TYR A 159 -20.63 6.74 -3.98
N ASN A 160 -19.79 7.33 -4.80
CA ASN A 160 -18.72 6.58 -5.46
C ASN A 160 -17.62 7.50 -6.00
N MET A 161 -16.48 6.91 -6.34
CA MET A 161 -15.35 7.68 -6.85
C MET A 161 -15.65 8.45 -8.14
N PRO A 162 -16.20 7.76 -9.16
CA PRO A 162 -16.46 8.38 -10.45
C PRO A 162 -17.35 9.63 -10.39
N ASP A 163 -18.50 9.53 -9.72
CA ASP A 163 -19.39 10.68 -9.60
C ASP A 163 -18.65 11.89 -9.04
N TYR A 164 -17.94 11.66 -7.95
CA TYR A 164 -17.14 12.71 -7.32
C TYR A 164 -16.01 13.16 -8.22
N GLU A 165 -15.54 12.26 -9.08
CA GLU A 165 -14.42 12.55 -9.96
C GLU A 165 -14.86 13.35 -11.19
N LYS A 166 -16.07 13.08 -11.67
CA LYS A 166 -16.65 13.84 -12.77
C LYS A 166 -16.95 15.27 -12.32
N TRP A 167 -17.39 15.40 -11.07
CA TRP A 167 -17.57 16.71 -10.43
C TRP A 167 -16.26 17.44 -10.19
N ARG A 168 -15.29 16.69 -9.69
CA ARG A 168 -13.99 17.25 -9.32
C ARG A 168 -13.28 17.84 -10.53
N GLU A 169 -13.61 17.35 -11.72
CA GLU A 169 -12.95 17.78 -12.94
C GLU A 169 -13.78 18.82 -13.70
N GLU A 170 -15.09 18.81 -13.50
CA GLU A 170 -15.99 19.59 -14.34
C GLU A 170 -16.80 20.64 -13.58
N GLU A 171 -16.72 20.60 -12.26
CA GLU A 171 -17.45 21.54 -11.40
C GLU A 171 -16.63 22.25 -10.29
N SER A 172 -15.63 21.55 -9.77
CA SER A 172 -14.92 21.96 -8.57
C SER A 172 -14.27 23.34 -8.68
N HIS A 173 -13.68 23.63 -9.83
CA HIS A 173 -12.96 24.89 -10.02
C HIS A 173 -13.85 26.11 -9.86
N LYS A 174 -15.16 25.91 -9.94
CA LYS A 174 -16.11 27.01 -9.87
C LYS A 174 -16.41 27.44 -8.43
N PHE A 175 -15.96 26.65 -7.47
CA PHE A 175 -16.22 26.95 -6.06
C PHE A 175 -14.97 26.89 -5.21
N THR A 176 -15.05 27.46 -4.01
CA THR A 176 -14.07 27.22 -2.97
C THR A 176 -14.67 26.20 -2.02
N TRP A 177 -14.06 25.02 -1.93
CA TRP A 177 -14.68 23.90 -1.26
C TRP A 177 -13.69 23.04 -0.48
N LYS A 178 -14.21 22.13 0.33
CA LYS A 178 -13.39 21.19 1.08
C LYS A 178 -14.04 19.81 1.05
N GLN A 179 -13.22 18.77 0.87
CA GLN A 179 -13.73 17.41 0.80
C GLN A 179 -13.31 16.60 2.01
N LYS A 180 -14.29 16.01 2.68
CA LYS A 180 -14.03 15.18 3.86
C LYS A 180 -14.14 13.70 3.52
N TYR A 181 -13.18 12.88 3.89
CA TYR A 181 -13.36 11.50 3.52
C TYR A 181 -14.03 10.73 4.61
N TYR A 182 -15.20 10.26 4.24
CA TYR A 182 -16.21 9.67 5.12
C TYR A 182 -15.91 8.18 5.09
N LYS A 183 -15.01 7.74 5.96
CA LYS A 183 -14.72 6.32 6.15
C LYS A 183 -15.26 6.03 7.54
N GLY A 184 -15.46 4.75 7.82
CA GLY A 184 -15.78 4.29 9.15
C GLY A 184 -17.16 3.66 9.28
N LEU A 185 -18.15 4.52 9.19
CA LEU A 185 -19.48 4.19 9.61
C LEU A 185 -19.46 4.50 11.10
N GLY A 186 -18.28 4.83 11.61
CA GLY A 186 -18.12 5.08 13.03
C GLY A 186 -17.81 6.49 13.45
N THR A 187 -17.77 7.41 12.52
CA THR A 187 -17.34 8.80 12.77
C THR A 187 -18.48 9.78 12.58
N SER A 188 -19.26 9.55 11.52
CA SER A 188 -20.45 10.33 11.21
C SER A 188 -21.15 10.68 12.51
N LEU A 189 -21.35 11.99 12.63
CA LEU A 189 -22.12 12.66 13.66
C LEU A 189 -23.62 12.47 13.42
N ALA A 190 -24.38 12.80 14.44
CA ALA A 190 -25.78 12.41 14.58
C ALA A 190 -26.69 13.48 13.98
N GLN A 191 -26.18 14.69 13.92
CA GLN A 191 -26.97 15.80 13.45
C GLN A 191 -27.39 15.50 12.02
N GLU A 192 -26.48 14.91 11.26
CA GLU A 192 -26.75 14.52 9.88
C GLU A 192 -27.08 13.04 9.74
N VAL A 193 -27.12 12.31 10.85
CA VAL A 193 -27.58 10.93 10.81
C VAL A 193 -29.08 10.83 11.01
N ARG A 194 -29.60 11.53 12.01
CA ARG A 194 -31.04 11.50 12.23
C ARG A 194 -31.79 11.78 10.92
N GLU A 195 -31.10 12.45 9.99
CA GLU A 195 -31.67 12.74 8.68
C GLU A 195 -31.54 11.52 7.77
N TYR A 196 -30.51 10.71 8.01
CA TYR A 196 -30.24 9.54 7.21
C TYR A 196 -31.43 8.61 7.32
N PHE A 197 -31.97 8.53 8.53
CA PHE A 197 -33.05 7.59 8.81
C PHE A 197 -34.45 8.20 8.63
N SER A 198 -34.58 9.50 8.87
CA SER A 198 -35.85 10.17 8.66
C SER A 198 -36.28 9.96 7.22
N ASN A 199 -35.29 9.95 6.32
CA ASN A 199 -35.54 9.68 4.91
C ASN A 199 -34.61 8.58 4.39
N LEU A 200 -34.81 7.36 4.89
CA LEU A 200 -33.92 6.25 4.60
C LEU A 200 -34.26 5.54 3.28
N ASP A 201 -35.50 5.70 2.82
CA ASP A 201 -35.93 5.06 1.58
C ASP A 201 -35.04 5.42 0.39
N ARG A 202 -34.27 6.49 0.53
CA ARG A 202 -33.36 6.92 -0.52
C ARG A 202 -31.93 6.46 -0.20
N HIS A 203 -31.70 6.21 1.09
CA HIS A 203 -30.45 5.65 1.58
C HIS A 203 -30.62 4.14 1.61
N LEU A 204 -31.75 3.68 1.08
CA LEU A 204 -32.05 2.26 1.01
C LEU A 204 -32.19 1.79 -0.42
N LYS A 205 -31.46 0.75 -0.77
CA LYS A 205 -31.54 0.14 -2.08
C LYS A 205 -31.81 -1.34 -1.88
N ILE A 206 -32.44 -1.96 -2.87
CA ILE A 206 -32.78 -3.37 -2.74
C ILE A 206 -32.18 -4.21 -3.86
N PHE A 207 -31.51 -5.30 -3.48
CA PHE A 207 -30.95 -6.23 -4.45
C PHE A 207 -32.05 -7.00 -5.17
N HIS A 208 -32.08 -6.89 -6.50
CA HIS A 208 -33.03 -7.65 -7.28
C HIS A 208 -32.77 -9.14 -7.14
N SER A 209 -33.83 -9.91 -6.90
CA SER A 209 -33.72 -11.34 -6.72
C SER A 209 -32.93 -11.97 -7.87
N LEU A 210 -32.39 -13.17 -7.63
CA LEU A 210 -31.55 -13.84 -8.61
C LEU A 210 -32.20 -13.90 -9.99
N GLN A 211 -31.45 -13.44 -11.00
CA GLN A 211 -31.88 -13.54 -12.39
C GLN A 211 -30.80 -14.24 -13.21
N GLY A 212 -31.02 -14.31 -14.52
CA GLY A 212 -30.06 -14.93 -15.43
C GLY A 212 -28.67 -14.35 -15.26
N ASN A 213 -27.69 -15.25 -15.14
CA ASN A 213 -26.28 -14.86 -15.02
C ASN A 213 -25.90 -14.22 -13.69
N ASP A 214 -26.81 -14.22 -12.73
CA ASP A 214 -26.50 -13.70 -11.40
C ASP A 214 -25.64 -14.67 -10.61
N LYS A 215 -26.03 -15.94 -10.60
CA LYS A 215 -25.26 -16.97 -9.91
C LYS A 215 -23.90 -17.18 -10.55
N ASP A 216 -23.83 -17.06 -11.87
CA ASP A 216 -22.60 -17.26 -12.61
C ASP A 216 -21.56 -16.19 -12.27
N TYR A 217 -22.00 -14.95 -12.14
CA TYR A 217 -21.09 -13.86 -11.80
C TYR A 217 -20.61 -13.93 -10.36
N ILE A 218 -21.46 -14.44 -9.48
CA ILE A 218 -21.06 -14.66 -8.09
C ILE A 218 -19.95 -15.68 -8.03
N ASP A 219 -20.11 -16.77 -8.78
CA ASP A 219 -19.11 -17.83 -8.82
C ASP A 219 -17.82 -17.32 -9.45
N LEU A 220 -17.95 -16.48 -10.48
CA LEU A 220 -16.78 -15.88 -11.11
C LEU A 220 -15.97 -15.09 -10.10
N ALA A 221 -16.65 -14.52 -9.12
CA ALA A 221 -16.01 -13.63 -8.16
C ALA A 221 -15.46 -14.35 -6.94
N PHE A 222 -16.10 -15.46 -6.54
CA PHE A 222 -15.75 -16.11 -5.29
C PHE A 222 -15.42 -17.60 -5.39
N SER A 223 -15.36 -18.11 -6.61
CA SER A 223 -14.97 -19.51 -6.82
C SER A 223 -13.45 -19.67 -6.80
N LYS A 224 -12.94 -20.35 -5.79
CA LYS A 224 -11.51 -20.54 -5.63
C LYS A 224 -10.88 -21.30 -6.80
N LYS A 225 -11.69 -21.61 -7.81
CA LYS A 225 -11.22 -22.37 -8.96
C LYS A 225 -11.15 -21.54 -10.24
N LYS A 226 -11.44 -20.26 -10.13
CA LYS A 226 -11.52 -19.40 -11.32
C LYS A 226 -10.58 -18.19 -11.25
N ALA A 227 -9.38 -18.40 -10.73
CA ALA A 227 -8.40 -17.33 -10.62
C ALA A 227 -8.09 -16.72 -12.00
N ASP A 228 -7.79 -17.58 -12.96
CA ASP A 228 -7.47 -17.13 -14.32
C ASP A 228 -8.58 -16.29 -14.94
N ASP A 229 -9.83 -16.67 -14.69
CA ASP A 229 -10.97 -15.96 -15.26
C ASP A 229 -11.05 -14.52 -14.77
N ARG A 230 -10.85 -14.31 -13.47
CA ARG A 230 -10.88 -12.97 -12.89
C ARG A 230 -9.85 -12.05 -13.55
N LYS A 231 -8.68 -12.60 -13.84
CA LYS A 231 -7.63 -11.84 -14.52
C LYS A 231 -8.21 -11.15 -15.74
N GLU A 232 -8.91 -11.92 -16.56
CA GLU A 232 -9.54 -11.40 -17.77
C GLU A 232 -10.69 -10.47 -17.41
N TRP A 233 -11.50 -10.89 -16.45
CA TRP A 233 -12.62 -10.09 -15.98
C TRP A 233 -12.19 -8.69 -15.56
N LEU A 234 -10.94 -8.57 -15.12
CA LEU A 234 -10.37 -7.28 -14.74
C LEU A 234 -9.84 -6.54 -15.96
N ARG A 235 -9.33 -7.30 -16.94
CA ARG A 235 -8.89 -6.73 -18.20
C ARG A 235 -10.06 -6.11 -18.95
N GLN A 236 -11.18 -6.83 -18.94
CA GLN A 236 -12.39 -6.40 -19.65
C GLN A 236 -12.94 -5.10 -19.10
N TYR A 237 -12.77 -4.89 -17.79
CA TYR A 237 -13.33 -3.71 -17.13
C TYR A 237 -13.01 -2.41 -17.85
N GLU A 238 -14.03 -1.57 -17.99
CA GLU A 238 -13.88 -0.28 -18.65
C GLU A 238 -14.03 0.85 -17.65
N PRO A 239 -12.96 1.67 -17.50
CA PRO A 239 -13.01 2.82 -16.59
C PRO A 239 -14.24 3.67 -16.84
N GLY A 240 -14.91 4.08 -15.77
CA GLY A 240 -16.13 4.87 -15.89
C GLY A 240 -17.38 4.03 -15.75
N THR A 241 -17.24 2.73 -16.00
CA THR A 241 -18.36 1.80 -15.85
C THR A 241 -18.60 1.75 -14.35
N VAL A 242 -19.76 2.21 -13.92
CA VAL A 242 -20.08 2.29 -12.50
C VAL A 242 -21.58 2.33 -12.31
N LEU A 243 -22.05 1.68 -11.23
CA LEU A 243 -23.47 1.61 -10.90
C LEU A 243 -24.13 2.97 -10.92
N ASP A 244 -25.34 3.07 -11.47
CA ASP A 244 -26.06 4.33 -11.35
C ASP A 244 -26.37 4.60 -9.86
N PRO A 245 -26.09 5.82 -9.41
CA PRO A 245 -26.39 6.24 -8.04
C PRO A 245 -27.89 6.48 -7.84
N THR A 246 -28.41 6.17 -6.67
CA THR A 246 -29.78 6.53 -6.33
C THR A 246 -30.84 5.75 -7.11
N LEU A 247 -30.43 4.73 -7.86
CA LEU A 247 -31.37 4.03 -8.72
C LEU A 247 -32.46 3.32 -7.94
N LYS A 248 -32.04 2.72 -6.83
CA LYS A 248 -32.93 2.11 -5.83
C LYS A 248 -33.31 0.67 -6.11
N GLU A 249 -32.69 0.06 -7.10
CA GLU A 249 -32.86 -1.36 -7.35
C GLU A 249 -31.54 -1.78 -7.95
N ILE A 250 -30.99 -2.87 -7.46
CA ILE A 250 -29.71 -3.32 -7.96
C ILE A 250 -29.79 -4.72 -8.53
N PRO A 251 -29.35 -4.90 -9.77
CA PRO A 251 -29.12 -6.26 -10.24
C PRO A 251 -27.79 -6.77 -9.70
N ILE A 252 -27.75 -8.01 -9.25
CA ILE A 252 -26.53 -8.56 -8.67
C ILE A 252 -25.42 -8.69 -9.72
N SER A 253 -25.82 -8.96 -10.96
CA SER A 253 -24.86 -9.13 -12.04
C SER A 253 -23.96 -7.90 -12.20
N ASP A 254 -24.57 -6.72 -12.17
CA ASP A 254 -23.81 -5.49 -12.35
C ASP A 254 -23.50 -4.78 -11.03
N PHE A 255 -23.82 -5.41 -9.91
CA PHE A 255 -23.29 -4.97 -8.63
C PHE A 255 -21.87 -5.49 -8.54
N ILE A 256 -21.67 -6.69 -9.07
CA ILE A 256 -20.36 -7.32 -9.12
C ILE A 256 -19.47 -6.64 -10.16
N ASN A 257 -20.04 -6.39 -11.33
CA ASN A 257 -19.29 -5.82 -12.45
C ASN A 257 -19.14 -4.30 -12.38
N LYS A 258 -19.82 -3.66 -11.44
CA LYS A 258 -19.77 -2.20 -11.35
C LYS A 258 -19.35 -1.67 -9.98
N GLU A 259 -19.40 -2.54 -8.96
CA GLU A 259 -18.98 -2.13 -7.63
C GLU A 259 -17.89 -3.03 -7.05
N LEU A 260 -18.18 -4.32 -6.90
CA LEU A 260 -17.22 -5.26 -6.34
C LEU A 260 -15.91 -5.24 -7.13
N ILE A 261 -16.02 -5.20 -8.46
CA ILE A 261 -14.84 -5.19 -9.32
C ILE A 261 -13.94 -4.00 -9.01
N LEU A 262 -14.54 -2.92 -8.49
CA LEU A 262 -13.78 -1.75 -8.08
C LEU A 262 -12.83 -2.12 -6.94
N PHE A 263 -13.32 -2.95 -6.02
CA PHE A 263 -12.50 -3.44 -4.93
C PHE A 263 -11.33 -4.27 -5.47
N SER A 264 -11.65 -5.24 -6.31
CA SER A 264 -10.65 -6.12 -6.89
C SER A 264 -9.51 -5.32 -7.52
N LEU A 265 -9.87 -4.29 -8.28
CA LEU A 265 -8.88 -3.42 -8.90
C LEU A 265 -8.01 -2.74 -7.83
N ALA A 266 -8.66 -2.21 -6.81
CA ALA A 266 -7.96 -1.56 -5.71
C ALA A 266 -7.13 -2.56 -4.92
N ASP A 267 -7.64 -3.79 -4.83
CA ASP A 267 -6.94 -4.86 -4.12
C ASP A 267 -5.57 -5.09 -4.75
N ASN A 268 -5.56 -5.39 -6.05
CA ASN A 268 -4.32 -5.58 -6.79
C ASN A 268 -3.38 -4.39 -6.64
N ILE A 269 -3.94 -3.19 -6.81
CA ILE A 269 -3.16 -1.97 -6.73
C ILE A 269 -2.29 -1.92 -5.47
N ARG A 270 -2.87 -2.27 -4.33
CA ARG A 270 -2.16 -2.17 -3.06
C ARG A 270 -1.32 -3.40 -2.75
N SER A 271 -1.74 -4.55 -3.27
CA SER A 271 -1.07 -5.81 -2.96
C SER A 271 0.11 -6.09 -3.88
N ILE A 272 0.05 -5.56 -5.09
CA ILE A 272 1.09 -5.78 -6.09
C ILE A 272 1.83 -4.48 -6.41
N PRO A 273 3.16 -4.50 -6.32
CA PRO A 273 4.00 -3.30 -6.47
C PRO A 273 4.12 -2.82 -7.91
N ASN A 274 4.73 -1.65 -8.09
CA ASN A 274 5.04 -1.12 -9.41
C ASN A 274 6.45 -1.54 -9.81
N VAL A 275 6.65 -1.79 -11.09
CA VAL A 275 7.92 -2.31 -11.60
C VAL A 275 9.09 -1.35 -11.37
N LEU A 276 8.80 -0.05 -11.38
CA LEU A 276 9.86 0.96 -11.32
C LEU A 276 10.55 1.07 -9.96
N ASP A 277 9.78 1.29 -8.91
CA ASP A 277 10.36 1.48 -7.58
C ASP A 277 10.13 0.30 -6.65
N GLY A 278 9.44 -0.73 -7.14
CA GLY A 278 9.18 -1.92 -6.36
C GLY A 278 8.35 -1.64 -5.12
N PHE A 279 7.63 -0.54 -5.14
CA PHE A 279 6.81 -0.14 -4.00
C PHE A 279 5.34 -0.48 -4.19
N LYS A 280 4.66 -0.74 -3.07
CA LYS A 280 3.20 -0.77 -3.04
C LYS A 280 2.77 0.60 -2.53
N PRO A 281 1.52 1.00 -2.83
CA PRO A 281 1.04 2.31 -2.40
C PRO A 281 1.41 2.63 -0.95
N GLY A 282 1.18 1.66 -0.06
CA GLY A 282 1.49 1.84 1.35
C GLY A 282 2.94 2.22 1.58
N GLN A 283 3.84 1.38 1.08
CA GLN A 283 5.28 1.62 1.24
C GLN A 283 5.70 2.97 0.66
N ARG A 284 5.14 3.30 -0.49
CA ARG A 284 5.50 4.54 -1.18
C ARG A 284 5.06 5.77 -0.39
N LYS A 285 3.95 5.64 0.33
CA LYS A 285 3.47 6.71 1.19
C LYS A 285 4.43 6.94 2.35
N VAL A 286 4.87 5.85 2.96
CA VAL A 286 5.80 5.92 4.09
C VAL A 286 7.05 6.70 3.72
N LEU A 287 7.72 6.30 2.65
CA LEU A 287 8.92 6.99 2.21
C LEU A 287 8.65 8.43 1.81
N TYR A 288 7.54 8.66 1.13
CA TYR A 288 7.16 10.02 0.77
C TYR A 288 7.09 10.91 2.02
N GLY A 289 6.43 10.39 3.06
CA GLY A 289 6.33 11.10 4.32
C GLY A 289 7.68 11.29 4.96
N CYS A 290 8.53 10.27 4.86
CA CYS A 290 9.88 10.33 5.42
C CYS A 290 10.74 11.35 4.68
N PHE A 291 10.45 11.53 3.40
CA PHE A 291 11.01 12.63 2.62
C PHE A 291 10.47 14.01 2.99
N LYS A 292 9.17 14.08 3.24
CA LYS A 292 8.49 15.32 3.61
C LYS A 292 9.08 15.85 4.91
N LYS A 293 9.08 14.99 5.92
CA LYS A 293 9.76 15.28 7.18
C LYS A 293 11.24 15.00 7.01
N ASN A 294 12.08 15.59 7.87
CA ASN A 294 13.50 15.32 7.84
C ASN A 294 13.86 14.15 8.75
N LEU A 295 13.74 12.93 8.22
CA LEU A 295 13.94 11.73 9.01
C LEU A 295 15.41 11.32 9.09
N LYS A 296 16.25 12.24 9.53
CA LYS A 296 17.66 11.91 9.79
C LYS A 296 17.81 11.53 11.25
N SER A 297 16.90 12.04 12.09
CA SER A 297 16.82 11.66 13.48
C SER A 297 15.62 10.75 13.70
N GLU A 298 15.76 9.78 14.59
CA GLU A 298 14.75 8.75 14.78
C GLU A 298 13.48 9.21 15.50
N LEU A 299 12.39 8.50 15.24
CA LEU A 299 11.15 8.66 16.00
C LEU A 299 10.46 7.30 16.02
N LYS A 300 9.62 7.06 17.03
CA LYS A 300 9.02 5.73 17.18
C LYS A 300 7.99 5.44 16.09
N VAL A 301 7.86 4.17 15.74
CA VAL A 301 6.97 3.74 14.66
C VAL A 301 5.51 4.09 14.94
N ALA A 302 5.11 4.02 16.20
CA ALA A 302 3.73 4.33 16.59
C ALA A 302 3.41 5.81 16.36
N GLN A 303 4.44 6.60 16.13
CA GLN A 303 4.27 8.03 15.87
C GLN A 303 4.46 8.36 14.39
N LEU A 304 5.34 7.61 13.74
CA LEU A 304 5.59 7.81 12.32
C LEU A 304 4.39 7.38 11.48
N ALA A 305 3.82 6.24 11.83
CA ALA A 305 2.69 5.68 11.08
C ALA A 305 1.51 6.65 10.95
N PRO A 306 1.06 7.22 12.07
CA PRO A 306 -0.05 8.19 12.01
C PRO A 306 0.36 9.45 11.26
N TYR A 307 1.62 9.86 11.39
CA TYR A 307 2.12 11.03 10.68
C TYR A 307 2.03 10.84 9.17
N VAL A 308 2.62 9.76 8.70
CA VAL A 308 2.57 9.41 7.28
C VAL A 308 1.12 9.33 6.81
N SER A 309 0.29 8.68 7.62
CA SER A 309 -1.13 8.51 7.30
C SER A 309 -1.81 9.86 7.07
N GLU A 310 -1.54 10.81 7.95
CA GLU A 310 -2.17 12.12 7.85
C GLU A 310 -1.79 12.90 6.61
N CYS A 311 -0.52 12.85 6.25
CA CYS A 311 -0.02 13.68 5.15
C CYS A 311 -0.06 13.00 3.78
N THR A 312 -0.47 11.74 3.75
CA THR A 312 -0.60 11.02 2.49
C THR A 312 -2.04 10.59 2.26
N ALA A 313 -2.94 11.07 3.12
CA ALA A 313 -4.36 10.76 3.01
C ALA A 313 -4.61 9.25 3.05
N TYR A 314 -3.80 8.55 3.81
CA TYR A 314 -3.97 7.11 3.99
C TYR A 314 -5.31 6.84 4.66
N HIS A 315 -6.12 6.04 3.96
CA HIS A 315 -7.52 5.77 4.27
C HIS A 315 -7.76 4.46 5.05
N HIS A 316 -6.69 3.79 5.44
CA HIS A 316 -6.75 2.47 6.09
C HIS A 316 -6.12 2.50 7.47
N GLY A 317 -6.44 1.52 8.31
CA GLY A 317 -5.98 1.53 9.68
C GLY A 317 -4.50 1.80 9.78
N GLU A 318 -4.09 2.55 10.80
CA GLU A 318 -2.68 2.87 11.01
C GLU A 318 -1.87 1.62 11.32
N GLN A 319 -2.50 0.66 12.01
CA GLN A 319 -1.83 -0.58 12.37
C GLN A 319 -1.23 -1.25 11.13
N SER A 320 -1.98 -1.21 10.04
CA SER A 320 -1.52 -1.80 8.78
C SER A 320 -0.34 -1.02 8.22
N LEU A 321 -0.30 0.27 8.53
CA LEU A 321 0.77 1.13 8.05
C LEU A 321 2.04 0.95 8.89
N ALA A 322 1.85 0.77 10.19
CA ALA A 322 2.96 0.57 11.11
C ALA A 322 3.72 -0.70 10.78
N GLN A 323 3.00 -1.77 10.50
CA GLN A 323 3.64 -3.02 10.19
C GLN A 323 4.47 -2.84 8.94
N THR A 324 3.93 -2.07 8.00
CA THR A 324 4.64 -1.80 6.76
C THR A 324 5.96 -1.11 7.06
N ILE A 325 5.94 -0.16 8.00
CA ILE A 325 7.15 0.53 8.41
C ILE A 325 8.16 -0.47 8.98
N ILE A 326 7.67 -1.40 9.80
CA ILE A 326 8.52 -2.45 10.35
C ILE A 326 9.15 -3.27 9.24
N GLY A 327 8.32 -3.72 8.30
CA GLY A 327 8.79 -4.53 7.20
C GLY A 327 9.85 -3.85 6.35
N LEU A 328 9.76 -2.53 6.26
CA LEU A 328 10.71 -1.75 5.47
C LEU A 328 12.05 -1.60 6.18
N ALA A 329 12.06 -1.88 7.49
CA ALA A 329 13.26 -1.70 8.29
C ALA A 329 13.99 -3.02 8.57
N GLN A 330 13.23 -4.09 8.77
CA GLN A 330 13.78 -5.39 9.13
C GLN A 330 15.05 -5.90 8.43
N ASN A 331 16.08 -6.17 9.22
CA ASN A 331 17.43 -6.39 8.73
C ASN A 331 18.00 -7.77 9.04
N PHE A 332 17.13 -8.73 9.32
CA PHE A 332 17.58 -10.10 9.57
C PHE A 332 17.80 -10.82 8.25
N VAL A 333 18.60 -11.89 8.28
CA VAL A 333 18.88 -12.66 7.06
C VAL A 333 17.60 -13.25 6.48
N GLY A 334 17.29 -12.87 5.25
CA GLY A 334 16.09 -13.34 4.59
C GLY A 334 15.05 -12.23 4.41
N SER A 335 15.38 -11.04 4.90
CA SER A 335 14.47 -9.91 4.76
C SER A 335 15.24 -9.03 3.77
N ASN A 336 15.00 -7.73 3.80
CA ASN A 336 15.48 -6.87 2.73
C ASN A 336 16.99 -6.92 2.50
N ASN A 337 17.37 -7.04 1.23
CA ASN A 337 18.74 -6.89 0.77
C ASN A 337 19.26 -5.50 1.11
N ILE A 338 18.39 -4.51 0.97
CA ILE A 338 18.69 -3.15 1.38
C ILE A 338 17.47 -2.55 2.09
N TYR A 339 17.59 -2.34 3.40
CA TYR A 339 16.51 -1.75 4.17
C TYR A 339 16.58 -0.22 4.17
N LEU A 340 15.54 0.41 3.63
CA LEU A 340 15.50 1.85 3.47
C LEU A 340 15.26 2.58 4.79
N LEU A 341 14.87 1.82 5.81
CA LEU A 341 14.69 2.37 7.15
C LEU A 341 15.50 1.54 8.15
N LEU A 342 16.04 2.20 9.16
CA LEU A 342 16.89 1.54 10.14
C LEU A 342 16.08 0.90 11.27
N PRO A 343 16.36 -0.39 11.56
CA PRO A 343 15.72 -1.11 12.66
C PRO A 343 16.29 -0.69 14.00
N ASN A 344 15.95 0.51 14.46
CA ASN A 344 16.41 0.97 15.76
C ASN A 344 15.58 0.39 16.89
N GLY A 345 15.51 -0.94 16.93
CA GLY A 345 14.75 -1.65 17.93
C GLY A 345 14.61 -3.12 17.61
N ALA A 346 13.79 -3.83 18.39
CA ALA A 346 13.54 -5.23 18.13
C ALA A 346 12.56 -5.39 16.97
N PHE A 347 13.07 -5.12 15.75
CA PHE A 347 12.23 -5.17 14.55
C PHE A 347 12.01 -6.60 14.06
N GLY A 348 12.31 -7.57 14.91
CA GLY A 348 12.09 -8.97 14.56
C GLY A 348 13.37 -9.67 14.13
N THR A 349 13.42 -10.97 14.36
CA THR A 349 14.61 -11.75 14.02
C THR A 349 14.30 -12.85 13.02
N ARG A 350 15.34 -13.60 12.67
CA ARG A 350 15.25 -14.69 11.71
C ARG A 350 14.49 -15.87 12.27
N ALA A 351 14.37 -15.92 13.59
CA ALA A 351 13.74 -17.06 14.28
C ALA A 351 12.33 -17.34 13.79
N THR A 352 11.52 -16.29 13.68
CA THR A 352 10.12 -16.45 13.29
C THR A 352 9.76 -15.63 12.06
N GLY A 353 10.78 -15.08 11.39
CA GLY A 353 10.56 -14.29 10.20
C GLY A 353 10.04 -12.90 10.51
N GLY A 354 10.56 -12.30 11.57
CA GLY A 354 10.18 -10.95 11.94
C GLY A 354 8.90 -10.86 12.75
N LYS A 355 8.25 -12.00 12.94
CA LYS A 355 6.98 -12.05 13.68
C LYS A 355 7.19 -11.85 15.18
N ASP A 356 8.45 -11.94 15.62
CA ASP A 356 8.78 -11.74 17.02
C ASP A 356 9.22 -10.32 17.30
N ALA A 357 8.84 -9.39 16.42
CA ALA A 357 9.17 -7.99 16.59
C ALA A 357 8.37 -7.38 17.73
N ALA A 358 8.91 -6.34 18.35
CA ALA A 358 8.22 -5.66 19.44
C ALA A 358 7.10 -4.78 18.89
N ALA A 359 6.22 -4.34 19.78
CA ALA A 359 5.12 -3.45 19.39
C ALA A 359 5.68 -2.15 18.82
N ALA A 360 4.87 -1.46 18.03
CA ALA A 360 5.32 -0.24 17.36
C ALA A 360 5.68 0.86 18.36
N ARG A 361 5.09 0.79 19.56
CA ARG A 361 5.31 1.81 20.57
C ARG A 361 6.68 1.68 21.22
N PTR A 362 7.40 0.31 21.13
CA PTR A 362 8.71 0.04 21.71
C PTR A 362 9.84 0.43 20.75
O PTR A 362 10.79 1.10 21.15
CB PTR A 362 8.83 -1.45 22.05
CG PTR A 362 7.76 -1.93 23.00
CD1 PTR A 362 7.19 -3.19 22.85
CD2 PTR A 362 7.32 -1.13 24.05
CE1 PTR A 362 6.21 -3.65 23.71
CE2 PTR A 362 6.34 -1.58 24.91
CZ PTR A 362 5.79 -2.84 24.74
OH PTR A 362 4.91 -3.24 25.49
P PTR A 362 4.95 -2.97 27.09
O1P PTR A 362 3.88 -3.78 27.71
O2P PTR A 362 4.70 -1.48 27.34
O3P PTR A 362 6.32 -3.36 27.69
N TYR A 362 7.33 0.54 21.01
CA TYR A 362 8.65 0.30 21.58
C TYR A 362 9.77 0.68 20.61
N ILE A 363 9.64 0.24 19.37
CA ILE A 363 10.69 0.43 18.37
C ILE A 363 10.72 1.81 17.73
N TYR A 364 11.87 2.16 17.15
CA TYR A 364 12.12 3.44 16.51
C TYR A 364 12.72 3.22 15.14
N THR A 365 12.69 4.25 14.30
CA THR A 365 13.25 4.13 12.95
C THR A 365 13.68 5.46 12.38
N GLU A 366 14.37 5.41 11.25
CA GLU A 366 14.84 6.62 10.57
C GLU A 366 15.30 6.25 9.16
N LEU A 367 15.59 7.26 8.34
CA LEU A 367 16.08 7.02 7.00
C LEU A 367 17.49 6.46 7.00
N ASN A 368 17.70 5.38 6.28
CA ASN A 368 19.05 4.87 6.04
C ASN A 368 19.78 5.89 5.19
N LYS A 369 21.00 6.25 5.60
CA LYS A 369 21.78 7.25 4.90
C LYS A 369 21.86 6.96 3.40
N LEU A 370 21.73 5.69 3.04
CA LEU A 370 21.85 5.26 1.66
C LEU A 370 20.55 5.44 0.87
N THR A 371 19.44 5.60 1.58
CA THR A 371 18.14 5.72 0.94
C THR A 371 18.08 6.87 -0.06
N ARG A 372 18.59 8.03 0.35
CA ARG A 372 18.56 9.21 -0.51
C ARG A 372 19.57 9.11 -1.64
N LYS A 373 20.47 8.14 -1.54
CA LYS A 373 21.42 7.85 -2.61
C LYS A 373 20.71 7.04 -3.68
N ILE A 374 19.72 6.25 -3.25
CA ILE A 374 18.95 5.41 -4.15
C ILE A 374 17.83 6.22 -4.79
N PHE A 375 17.05 6.92 -3.98
CA PHE A 375 16.02 7.81 -4.47
C PHE A 375 16.53 9.24 -4.44
N HIS A 376 17.23 9.64 -5.50
CA HIS A 376 17.85 10.96 -5.54
C HIS A 376 16.83 12.09 -5.37
N PRO A 377 17.17 13.09 -4.55
CA PRO A 377 16.30 14.24 -4.28
C PRO A 377 16.01 15.07 -5.53
N ALA A 378 16.95 15.11 -6.47
CA ALA A 378 16.80 15.91 -7.68
C ALA A 378 15.66 15.40 -8.56
N ASP A 379 15.16 14.22 -8.26
CA ASP A 379 14.09 13.61 -9.06
C ASP A 379 12.71 14.01 -8.56
N ASP A 380 12.62 14.45 -7.31
CA ASP A 380 11.34 14.78 -6.68
C ASP A 380 10.42 15.63 -7.56
N PRO A 381 10.92 16.77 -8.08
CA PRO A 381 10.08 17.67 -8.87
C PRO A 381 9.61 17.05 -10.18
N LEU A 382 10.15 15.89 -10.54
CA LEU A 382 9.85 15.26 -11.82
C LEU A 382 8.60 14.38 -11.76
N TYR A 383 8.40 13.70 -10.64
CA TYR A 383 7.31 12.73 -10.52
C TYR A 383 5.93 13.37 -10.60
N LYS A 384 4.93 12.53 -10.83
CA LYS A 384 3.54 12.97 -10.86
C LYS A 384 2.87 12.64 -9.53
N TYR A 385 2.71 13.66 -8.69
CA TYR A 385 2.15 13.46 -7.36
C TYR A 385 0.63 13.34 -7.39
N ILE A 386 0.13 12.19 -6.97
CA ILE A 386 -1.30 11.89 -6.98
C ILE A 386 -2.11 12.96 -6.25
N GLN A 387 -3.20 13.38 -6.87
CA GLN A 387 -4.12 14.33 -6.25
C GLN A 387 -5.21 13.57 -5.49
N GLU A 388 -5.30 13.80 -4.19
CA GLU A 388 -6.25 13.08 -3.35
C GLU A 388 -6.64 13.88 -2.12
N ASP A 389 -7.94 14.01 -1.89
CA ASP A 389 -8.46 14.79 -0.77
C ASP A 389 -8.17 16.28 -0.91
N GLU A 390 -8.40 16.82 -2.10
CA GLU A 390 -8.15 18.22 -2.38
C GLU A 390 -6.76 18.59 -1.88
N LYS A 391 -5.80 17.71 -2.17
CA LYS A 391 -4.47 17.82 -1.59
C LYS A 391 -3.51 16.86 -2.25
N THR A 392 -2.26 17.30 -2.45
CA THR A 392 -1.24 16.48 -3.10
C THR A 392 -0.63 15.47 -2.14
N VAL A 393 -0.52 14.22 -2.60
CA VAL A 393 0.09 13.16 -1.80
C VAL A 393 1.30 12.55 -2.50
N GLU A 394 1.59 11.29 -2.21
CA GLU A 394 2.75 10.61 -2.77
C GLU A 394 2.62 10.46 -4.29
N PRO A 395 3.77 10.25 -4.96
CA PRO A 395 3.80 10.10 -6.43
C PRO A 395 3.18 8.79 -6.89
N GLU A 396 2.87 8.70 -8.18
CA GLU A 396 2.40 7.45 -8.76
C GLU A 396 3.50 6.40 -8.60
N TRP A 397 4.73 6.79 -8.88
CA TRP A 397 5.90 5.99 -8.57
C TRP A 397 7.13 6.84 -8.35
N TYR A 398 8.08 6.32 -7.59
CA TYR A 398 9.42 6.89 -7.52
C TYR A 398 10.30 6.23 -8.55
N LEU A 399 11.40 6.88 -8.90
CA LEU A 399 12.30 6.34 -9.91
C LEU A 399 13.72 6.22 -9.35
N PRO A 400 14.02 5.08 -8.71
CA PRO A 400 15.33 4.83 -8.10
C PRO A 400 16.43 4.80 -9.17
N ILE A 401 17.67 5.02 -8.75
CA ILE A 401 18.79 5.01 -9.69
C ILE A 401 19.07 3.57 -10.14
N LEU A 402 18.45 2.61 -9.47
CA LEU A 402 18.53 1.21 -9.85
C LEU A 402 17.24 0.50 -9.45
N PRO A 403 16.84 -0.51 -10.23
CA PRO A 403 15.56 -1.21 -10.01
C PRO A 403 15.65 -1.70 -8.56
N MET A 404 14.78 -1.19 -7.71
CA MET A 404 14.75 -1.58 -6.31
C MET A 404 13.93 -2.87 -6.25
N ILE A 405 13.03 -3.04 -7.19
CA ILE A 405 12.16 -4.18 -7.16
C ILE A 405 13.03 -5.42 -7.24
N LEU A 406 14.12 -5.34 -8.00
CA LEU A 406 15.02 -6.47 -8.16
C LEU A 406 15.89 -6.64 -6.92
N VAL A 407 16.25 -5.52 -6.29
CA VAL A 407 17.07 -5.54 -5.09
C VAL A 407 16.41 -6.29 -3.96
N ASN A 408 15.19 -5.88 -3.60
CA ASN A 408 14.48 -6.48 -2.47
C ASN A 408 13.47 -7.55 -2.88
N GLY A 409 12.94 -7.42 -4.09
CA GLY A 409 11.91 -8.33 -4.56
C GLY A 409 10.55 -7.93 -4.04
N ALA A 410 9.57 -8.83 -4.17
CA ALA A 410 8.21 -8.52 -3.75
C ALA A 410 7.33 -9.75 -3.64
N GLU A 411 6.36 -9.70 -2.74
CA GLU A 411 5.35 -10.73 -2.65
C GLU A 411 4.00 -10.09 -2.33
N GLY A 412 2.93 -10.62 -2.90
CA GLY A 412 1.61 -10.09 -2.67
C GLY A 412 0.50 -10.99 -3.18
N ILE A 413 -0.71 -10.80 -2.65
CA ILE A 413 -1.86 -11.58 -3.07
C ILE A 413 -3.08 -10.68 -3.27
N GLY A 414 -3.43 -10.43 -4.52
CA GLY A 414 -4.59 -9.63 -4.84
C GLY A 414 -5.75 -10.49 -5.32
N THR A 415 -6.51 -9.97 -6.27
CA THR A 415 -7.61 -10.71 -6.87
C THR A 415 -7.27 -11.06 -8.30
N GLY A 416 -7.38 -12.33 -8.65
CA GLY A 416 -7.04 -12.79 -9.98
C GLY A 416 -5.54 -12.90 -10.17
N TRP A 417 -4.81 -11.91 -9.70
CA TRP A 417 -3.37 -11.84 -9.87
C TRP A 417 -2.60 -12.08 -8.59
N SER A 418 -1.42 -12.65 -8.72
CA SER A 418 -0.52 -12.86 -7.59
C SER A 418 0.88 -12.49 -8.03
N THR A 419 1.81 -12.40 -7.09
CA THR A 419 3.19 -12.11 -7.42
C THR A 419 4.20 -12.74 -6.49
N TYR A 420 5.36 -13.10 -7.05
CA TYR A 420 6.56 -13.32 -6.29
C TYR A 420 7.75 -12.87 -7.10
N ILE A 421 8.68 -12.17 -6.46
CA ILE A 421 9.95 -11.82 -7.06
C ILE A 421 11.04 -11.87 -6.00
N PRO A 422 12.00 -12.78 -6.16
CA PRO A 422 13.09 -12.92 -5.19
C PRO A 422 14.07 -11.76 -5.31
N PRO A 423 14.86 -11.53 -4.25
CA PRO A 423 15.87 -10.46 -4.24
C PRO A 423 17.04 -10.77 -5.17
N PHE A 424 17.81 -9.74 -5.51
CA PHE A 424 18.98 -9.91 -6.37
C PHE A 424 20.14 -9.05 -5.90
N ASN A 425 21.36 -9.48 -6.23
CA ASN A 425 22.57 -8.77 -5.81
C ASN A 425 22.70 -7.42 -6.51
N PRO A 426 22.62 -6.33 -5.75
CA PRO A 426 22.72 -4.96 -6.28
C PRO A 426 23.96 -4.76 -7.13
N LEU A 427 25.06 -5.43 -6.77
CA LEU A 427 26.30 -5.33 -7.54
C LEU A 427 26.11 -5.89 -8.94
N GLU A 428 25.37 -6.98 -9.05
CA GLU A 428 25.06 -7.56 -10.35
C GLU A 428 24.14 -6.63 -11.12
N ILE A 429 23.21 -6.01 -10.40
CA ILE A 429 22.23 -5.10 -10.99
C ILE A 429 22.90 -3.88 -11.61
N ILE A 430 23.87 -3.31 -10.90
CA ILE A 430 24.61 -2.17 -11.39
C ILE A 430 25.48 -2.57 -12.58
N LYS A 431 25.96 -3.81 -12.55
CA LYS A 431 26.79 -4.34 -13.63
C LYS A 431 25.99 -4.38 -14.93
N ASN A 432 24.82 -5.01 -14.88
CA ASN A 432 23.95 -5.08 -16.04
C ASN A 432 23.45 -3.71 -16.48
N ILE A 433 23.31 -2.80 -15.54
CA ILE A 433 22.95 -1.42 -15.87
C ILE A 433 24.07 -0.79 -16.71
N ARG A 434 25.31 -1.03 -16.32
CA ARG A 434 26.46 -0.58 -17.09
C ARG A 434 26.49 -1.25 -18.47
N HIS A 435 26.07 -2.51 -18.52
CA HIS A 435 25.93 -3.20 -19.80
C HIS A 435 24.84 -2.64 -20.69
N LEU A 436 23.69 -2.34 -20.12
CA LEU A 436 22.63 -1.70 -20.87
C LEU A 436 23.13 -0.35 -21.34
N MET A 437 23.87 0.31 -20.46
CA MET A 437 24.42 1.62 -20.80
C MET A 437 25.33 1.51 -22.02
N ASN A 438 26.23 0.54 -21.99
CA ASN A 438 27.27 0.41 -23.01
C ASN A 438 26.90 -0.44 -24.22
N ASP A 439 25.59 -0.56 -24.48
CA ASP A 439 25.14 -1.35 -25.63
C ASP A 439 25.70 -2.76 -25.57
N GLU A 440 25.78 -3.32 -24.37
CA GLU A 440 26.37 -4.63 -24.18
C GLU A 440 25.33 -5.66 -23.78
N GLU A 441 25.56 -6.91 -24.15
CA GLU A 441 24.66 -8.00 -23.80
C GLU A 441 24.60 -8.17 -22.29
N LEU A 442 23.38 -8.37 -21.77
CA LEU A 442 23.18 -8.53 -20.34
C LEU A 442 23.66 -9.90 -19.85
N GLU A 443 24.10 -9.94 -18.60
CA GLU A 443 24.44 -11.19 -17.95
C GLU A 443 23.24 -11.66 -17.14
N GLN A 444 23.00 -12.97 -17.10
CA GLN A 444 21.85 -13.49 -16.39
C GLN A 444 22.06 -13.44 -14.88
N MET A 445 21.02 -13.02 -14.15
CA MET A 445 21.11 -12.89 -12.70
C MET A 445 20.42 -14.03 -11.97
N HIS A 446 20.97 -14.39 -10.82
CA HIS A 446 20.37 -15.41 -9.97
C HIS A 446 20.03 -14.79 -8.61
N PRO A 447 18.97 -15.31 -7.97
CA PRO A 447 18.53 -14.80 -6.67
C PRO A 447 19.69 -14.65 -5.68
N TRP A 448 19.74 -13.53 -4.97
CA TRP A 448 20.78 -13.29 -3.98
C TRP A 448 20.23 -12.71 -2.68
N PHE A 449 20.72 -13.20 -1.56
CA PHE A 449 20.28 -12.73 -0.24
C PHE A 449 21.40 -12.13 0.59
N ARG A 450 21.14 -10.94 1.13
CA ARG A 450 22.14 -10.25 1.94
C ARG A 450 22.52 -11.05 3.18
N GLY A 451 23.82 -11.26 3.36
CA GLY A 451 24.32 -11.92 4.56
C GLY A 451 24.04 -13.40 4.63
N TRP A 452 23.40 -13.94 3.60
CA TRP A 452 23.12 -15.36 3.54
C TRP A 452 24.32 -16.14 3.05
N THR A 453 24.53 -17.33 3.61
CA THR A 453 25.74 -18.11 3.33
C THR A 453 25.46 -19.48 2.74
N GLY A 454 24.25 -19.67 2.22
CA GLY A 454 23.90 -20.93 1.59
C GLY A 454 24.27 -20.95 0.11
N THR A 455 23.81 -21.96 -0.61
CA THR A 455 24.09 -22.08 -2.03
C THR A 455 22.81 -22.20 -2.85
N ILE A 456 22.82 -21.62 -4.05
CA ILE A 456 21.66 -21.67 -4.94
C ILE A 456 22.06 -22.17 -6.32
N GLU A 457 21.33 -23.16 -6.83
CA GLU A 457 21.59 -23.68 -8.16
C GLU A 457 20.37 -23.54 -9.06
N GLU A 458 20.61 -23.29 -10.35
CA GLU A 458 19.54 -23.16 -11.31
C GLU A 458 19.22 -24.50 -11.98
N ILE A 459 17.97 -24.93 -11.85
CA ILE A 459 17.52 -26.17 -12.49
C ILE A 459 17.07 -25.87 -13.91
N GLU A 460 15.95 -25.16 -14.02
CA GLU A 460 15.43 -24.73 -15.30
C GLU A 460 15.41 -23.21 -15.30
N PRO A 461 15.27 -22.59 -16.49
CA PRO A 461 15.08 -21.14 -16.50
C PRO A 461 13.86 -20.78 -15.66
N LEU A 462 14.03 -19.84 -14.74
CA LEU A 462 12.96 -19.40 -13.85
C LEU A 462 12.75 -20.34 -12.67
N ARG A 463 13.68 -21.28 -12.48
CA ARG A 463 13.59 -22.23 -11.37
C ARG A 463 14.94 -22.50 -10.71
N TYR A 464 14.96 -22.41 -9.39
CA TYR A 464 16.18 -22.60 -8.62
C TYR A 464 15.95 -23.51 -7.42
N ARG A 465 17.03 -24.14 -6.95
CA ARG A 465 17.02 -24.82 -5.66
C ARG A 465 17.90 -24.05 -4.68
N MET A 466 17.49 -24.03 -3.42
CA MET A 466 18.21 -23.29 -2.39
C MET A 466 18.60 -24.21 -1.24
N TYR A 467 19.90 -24.39 -1.05
CA TYR A 467 20.40 -25.30 -0.04
C TYR A 467 20.96 -24.60 1.19
N GLY A 468 20.70 -25.18 2.36
CA GLY A 468 21.32 -24.72 3.59
C GLY A 468 22.68 -25.37 3.71
N ARG A 469 23.09 -25.70 4.94
CA ARG A 469 24.36 -26.39 5.15
C ARG A 469 24.28 -27.36 6.33
N ILE A 470 24.54 -28.63 6.05
CA ILE A 470 24.60 -29.65 7.08
C ILE A 470 25.92 -30.40 6.98
N GLU A 471 26.64 -30.48 8.10
CA GLU A 471 27.93 -31.12 8.13
C GLU A 471 28.04 -32.16 9.23
N GLN A 472 28.74 -33.24 8.95
CA GLN A 472 28.99 -34.27 9.95
C GLN A 472 30.21 -33.91 10.78
N ILE A 473 29.99 -33.61 12.06
CA ILE A 473 31.06 -33.14 12.93
C ILE A 473 31.53 -34.21 13.90
N GLY A 474 30.94 -35.39 13.82
CA GLY A 474 31.30 -36.49 14.69
C GLY A 474 30.55 -37.76 14.33
N ASP A 475 31.06 -38.89 14.83
CA ASP A 475 30.39 -40.17 14.61
C ASP A 475 28.96 -40.11 15.13
N ASN A 476 27.99 -40.10 14.21
CA ASN A 476 26.58 -40.04 14.57
C ASN A 476 26.12 -38.65 15.01
N VAL A 477 26.92 -37.62 14.70
CA VAL A 477 26.57 -36.26 15.08
C VAL A 477 26.64 -35.30 13.90
N LEU A 478 25.51 -34.68 13.59
CA LEU A 478 25.42 -33.73 12.48
C LEU A 478 25.30 -32.30 13.00
N GLU A 479 25.65 -31.33 12.15
CA GLU A 479 25.58 -29.93 12.52
C GLU A 479 25.04 -29.08 11.39
N ILE A 480 23.96 -28.35 11.66
CA ILE A 480 23.36 -27.46 10.68
C ILE A 480 23.81 -26.02 10.94
N THR A 481 24.52 -25.45 9.98
CA THR A 481 25.08 -24.11 10.14
C THR A 481 24.39 -23.07 9.27
N GLU A 482 23.43 -23.51 8.46
CA GLU A 482 22.70 -22.60 7.59
C GLU A 482 21.41 -23.23 7.07
N LEU A 483 20.37 -22.40 6.93
CA LEU A 483 19.09 -22.85 6.39
C LEU A 483 18.82 -22.14 5.07
N PRO A 484 17.95 -22.71 4.23
CA PRO A 484 17.53 -22.01 3.01
C PRO A 484 16.91 -20.67 3.37
N ALA A 485 17.27 -19.61 2.65
CA ALA A 485 16.73 -18.29 2.92
C ALA A 485 15.21 -18.35 3.06
N ARG A 486 14.68 -17.52 3.95
CA ARG A 486 13.23 -17.49 4.23
C ARG A 486 12.75 -18.77 4.93
N THR A 487 13.69 -19.55 5.44
CA THR A 487 13.33 -20.73 6.24
C THR A 487 13.71 -20.38 7.68
N TRP A 488 12.69 -20.09 8.49
CA TRP A 488 12.91 -19.57 9.83
C TRP A 488 13.33 -20.67 10.82
N THR A 489 14.16 -20.27 11.78
CA THR A 489 14.72 -21.20 12.76
C THR A 489 13.64 -21.99 13.48
N SER A 490 12.56 -21.32 13.88
CA SER A 490 11.50 -21.96 14.63
C SER A 490 10.83 -23.10 13.86
N THR A 491 10.83 -22.99 12.54
CA THR A 491 10.23 -24.02 11.69
C THR A 491 11.03 -25.32 11.78
N ILE A 492 12.34 -25.20 11.67
CA ILE A 492 13.22 -26.35 11.79
C ILE A 492 13.25 -26.85 13.24
N LYS A 493 13.14 -25.91 14.17
CA LYS A 493 13.15 -26.25 15.59
C LYS A 493 12.00 -27.18 15.94
N GLU A 494 10.80 -26.83 15.51
CA GLU A 494 9.62 -27.64 15.76
C GLU A 494 9.73 -29.00 15.08
N TYR A 495 10.28 -29.01 13.88
CA TYR A 495 10.46 -30.25 13.14
C TYR A 495 11.44 -31.20 13.82
N LEU A 496 12.57 -30.66 14.29
CA LEU A 496 13.54 -31.45 15.03
C LEU A 496 12.95 -31.93 16.35
N LEU A 497 12.32 -31.01 17.08
CA LEU A 497 11.67 -31.35 18.35
C LEU A 497 10.64 -32.46 18.15
N LEU A 498 10.08 -32.54 16.95
CA LEU A 498 9.11 -33.58 16.63
C LEU A 498 9.80 -34.94 16.55
N GLY A 499 10.94 -34.97 15.87
CA GLY A 499 11.69 -36.21 15.72
C GLY A 499 12.35 -36.68 16.99
N LEU A 500 12.60 -35.73 17.91
CA LEU A 500 13.26 -36.05 19.16
C LEU A 500 12.34 -36.77 20.14
N SER A 501 11.12 -36.26 20.27
CA SER A 501 10.14 -36.82 21.21
C SER A 501 9.15 -37.74 20.51
N GLY A 502 9.24 -37.81 19.19
CA GLY A 502 8.34 -38.64 18.41
C GLY A 502 6.97 -38.01 18.25
N ASN A 503 6.01 -38.79 17.74
CA ASN A 503 4.66 -38.30 17.52
C ASN A 503 3.64 -39.43 17.47
N ASP A 504 2.37 -39.07 17.58
CA ASP A 504 1.28 -40.03 17.49
C ASP A 504 1.39 -40.90 16.25
N LYS A 505 1.68 -40.27 15.11
CA LYS A 505 1.80 -40.98 13.84
C LYS A 505 3.21 -41.41 13.46
N ILE A 506 4.22 -40.65 13.88
CA ILE A 506 5.60 -40.92 13.51
C ILE A 506 6.47 -41.28 14.71
N LYS A 507 7.32 -42.27 14.55
CA LYS A 507 8.26 -42.67 15.59
C LYS A 507 9.44 -41.70 15.64
N PRO A 508 9.96 -41.45 16.86
CA PRO A 508 11.13 -40.58 17.03
C PRO A 508 12.33 -41.11 16.26
N TRP A 509 13.00 -40.21 15.53
CA TRP A 509 14.22 -40.56 14.80
C TRP A 509 15.47 -39.79 15.22
N ILE A 510 15.36 -38.99 16.27
CA ILE A 510 16.46 -38.17 16.74
C ILE A 510 16.75 -38.45 18.21
N LYS A 511 18.01 -38.76 18.52
CA LYS A 511 18.40 -39.11 19.88
C LYS A 511 18.51 -37.88 20.78
N ASP A 512 19.09 -36.80 20.25
CA ASP A 512 19.26 -35.58 21.02
C ASP A 512 19.46 -34.38 20.09
N MET A 513 19.08 -33.21 20.57
CA MET A 513 19.25 -31.98 19.82
C MET A 513 19.67 -30.84 20.73
N GLU A 514 20.42 -29.91 20.20
CA GLU A 514 20.78 -28.73 20.92
C GLU A 514 20.72 -27.53 20.04
N GLU A 515 20.61 -26.38 20.65
CA GLU A 515 20.72 -25.11 19.95
C GLU A 515 21.88 -24.27 20.50
N GLN A 516 22.77 -23.83 19.62
CA GLN A 516 23.91 -23.02 20.02
C GLN A 516 24.10 -21.83 19.08
N HIS A 517 22.99 -21.25 18.64
CA HIS A 517 23.02 -20.14 17.69
C HIS A 517 23.76 -18.94 18.25
N ASP A 518 24.66 -18.35 17.45
CA ASP A 518 25.32 -17.11 17.83
C ASP A 518 24.97 -15.80 17.10
N ASP A 519 25.68 -15.55 16.01
CA ASP A 519 25.31 -14.53 15.05
C ASP A 519 24.99 -15.34 13.81
N ASN A 520 24.82 -16.63 14.02
CA ASN A 520 24.61 -17.60 12.96
C ASN A 520 23.74 -18.75 13.46
N ILE A 521 23.44 -19.70 12.58
CA ILE A 521 22.62 -20.85 12.94
C ILE A 521 23.48 -22.04 13.32
N LYS A 522 23.08 -22.77 14.36
CA LYS A 522 23.88 -23.89 14.84
C LYS A 522 23.04 -24.95 15.56
N PHE A 523 22.62 -25.96 14.82
CA PHE A 523 21.88 -27.05 15.43
C PHE A 523 22.79 -28.26 15.53
N ILE A 524 23.04 -28.70 16.75
CA ILE A 524 23.84 -29.89 17.01
C ILE A 524 22.94 -31.09 17.24
N ILE A 525 22.86 -31.96 16.23
CA ILE A 525 21.94 -33.09 16.28
C ILE A 525 22.66 -34.42 16.46
N THR A 526 22.09 -35.30 17.26
CA THR A 526 22.65 -36.62 17.50
C THR A 526 21.70 -37.71 17.03
N LEU A 527 22.22 -38.63 16.22
CA LEU A 527 21.41 -39.73 15.71
C LEU A 527 22.01 -41.07 16.09
N SER A 528 21.15 -42.05 16.38
CA SER A 528 21.60 -43.41 16.61
C SER A 528 22.17 -43.95 15.31
N PRO A 529 23.16 -44.87 15.41
CA PRO A 529 23.78 -45.46 14.23
C PRO A 529 22.75 -45.99 13.25
N GLU A 530 21.57 -46.33 13.75
CA GLU A 530 20.49 -46.85 12.92
C GLU A 530 19.90 -45.77 12.02
N GLU A 531 19.70 -44.58 12.58
CA GLU A 531 19.12 -43.47 11.84
C GLU A 531 20.12 -42.84 10.87
N MET A 532 21.40 -42.85 11.24
CA MET A 532 22.45 -42.31 10.38
C MET A 532 22.39 -42.94 8.99
N ALA A 533 22.39 -44.26 8.94
CA ALA A 533 22.32 -44.99 7.68
C ALA A 533 21.02 -44.67 6.94
N LYS A 534 19.91 -44.67 7.68
CA LYS A 534 18.60 -44.37 7.10
C LYS A 534 18.59 -42.99 6.46
N THR A 535 19.31 -42.05 7.07
CA THR A 535 19.36 -40.69 6.57
C THR A 535 20.23 -40.58 5.33
N ARG A 536 21.24 -41.45 5.23
CA ARG A 536 22.11 -41.48 4.06
C ARG A 536 21.34 -41.92 2.82
N LYS A 537 20.36 -42.80 3.02
CA LYS A 537 19.56 -43.34 1.93
C LYS A 537 18.52 -42.32 1.48
N ILE A 538 18.11 -41.46 2.40
CA ILE A 538 17.11 -40.43 2.11
C ILE A 538 17.78 -39.13 1.67
N GLY A 539 18.98 -38.89 2.20
CA GLY A 539 19.69 -37.66 1.93
C GLY A 539 19.63 -36.72 3.12
N PHE A 540 20.79 -36.25 3.57
CA PHE A 540 20.84 -35.40 4.75
C PHE A 540 20.11 -34.08 4.56
N TYR A 541 20.28 -33.44 3.42
CA TYR A 541 19.54 -32.21 3.14
C TYR A 541 18.05 -32.43 3.00
N GLU A 542 17.67 -33.52 2.33
CA GLU A 542 16.25 -33.80 2.06
C GLU A 542 15.49 -34.09 3.34
N ARG A 543 16.10 -34.83 4.26
CA ARG A 543 15.42 -35.25 5.48
C ARG A 543 15.45 -34.19 6.58
N PHE A 544 16.30 -33.20 6.43
CA PHE A 544 16.35 -32.12 7.41
C PHE A 544 15.72 -30.82 6.92
N LYS A 545 15.00 -30.90 5.81
CA LYS A 545 14.32 -29.74 5.25
C LYS A 545 15.26 -28.61 4.87
N LEU A 546 16.43 -28.95 4.36
CA LEU A 546 17.42 -27.95 3.98
C LEU A 546 17.41 -27.69 2.48
N ILE A 547 16.24 -27.84 1.86
CA ILE A 547 16.09 -27.59 0.44
C ILE A 547 14.77 -26.88 0.14
N SER A 548 14.87 -25.67 -0.40
CA SER A 548 13.68 -24.90 -0.76
C SER A 548 13.77 -24.35 -2.18
N PRO A 549 12.66 -24.42 -2.92
CA PRO A 549 12.58 -23.98 -4.32
C PRO A 549 12.31 -22.48 -4.44
N ILE A 550 12.71 -21.91 -5.57
CA ILE A 550 12.42 -20.51 -5.89
C ILE A 550 11.89 -20.41 -7.31
N SER A 551 10.65 -19.92 -7.44
CA SER A 551 10.01 -19.85 -8.74
C SER A 551 9.91 -18.41 -9.27
N LEU A 552 10.39 -18.20 -10.48
CA LEU A 552 10.29 -16.89 -11.12
C LEU A 552 9.20 -16.91 -12.18
N MET A 553 8.30 -17.87 -12.07
CA MET A 553 7.24 -18.05 -13.05
C MET A 553 6.00 -17.22 -12.71
N ASN A 554 6.06 -16.48 -11.62
CA ASN A 554 4.95 -15.63 -11.22
C ASN A 554 5.40 -14.22 -10.84
N MET A 555 6.32 -13.68 -11.63
CA MET A 555 6.79 -12.32 -11.41
C MET A 555 5.82 -11.31 -12.02
N VAL A 556 4.91 -10.81 -11.19
CA VAL A 556 3.90 -9.86 -11.65
C VAL A 556 4.11 -8.47 -11.05
N ALA A 557 3.80 -7.44 -11.82
CA ALA A 557 3.93 -6.06 -11.35
C ALA A 557 3.29 -5.09 -12.33
N PHE A 558 2.87 -3.95 -11.84
CA PHE A 558 2.36 -2.92 -12.73
C PHE A 558 3.49 -2.36 -13.54
N ASP A 559 3.24 -2.10 -14.81
CA ASP A 559 4.22 -1.47 -15.69
C ASP A 559 4.20 0.05 -15.50
N PRO A 560 5.14 0.76 -16.15
CA PRO A 560 5.23 2.22 -16.03
C PRO A 560 3.91 2.94 -16.31
N HIS A 561 3.01 2.30 -17.05
CA HIS A 561 1.76 2.95 -17.44
C HIS A 561 0.60 2.57 -16.50
N GLY A 562 0.92 1.85 -15.43
CA GLY A 562 -0.06 1.50 -14.42
C GLY A 562 -0.82 0.22 -14.74
N LYS A 563 -0.45 -0.44 -15.82
CA LYS A 563 -1.11 -1.68 -16.24
C LYS A 563 -0.38 -2.91 -15.69
N ILE A 564 -1.15 -3.79 -15.06
CA ILE A 564 -0.58 -5.01 -14.49
C ILE A 564 0.01 -5.89 -15.59
N LYS A 565 1.22 -6.39 -15.35
CA LYS A 565 1.96 -7.12 -16.38
C LYS A 565 2.76 -8.26 -15.77
N LYS A 566 2.89 -9.35 -16.50
CA LYS A 566 3.67 -10.47 -16.01
C LYS A 566 4.97 -10.52 -16.76
N TYR A 567 6.06 -10.62 -16.02
CA TYR A 567 7.40 -10.61 -16.60
C TYR A 567 7.97 -12.02 -16.69
N ASN A 568 8.46 -12.37 -17.88
CA ASN A 568 8.94 -13.71 -18.16
C ASN A 568 10.42 -13.92 -17.87
N SER A 569 11.15 -12.81 -17.71
CA SER A 569 12.58 -12.88 -17.41
C SER A 569 13.04 -11.70 -16.56
N VAL A 570 14.04 -11.94 -15.73
CA VAL A 570 14.58 -10.90 -14.87
C VAL A 570 15.10 -9.71 -15.68
N ASN A 571 15.82 -9.99 -16.76
CA ASN A 571 16.36 -8.94 -17.61
C ASN A 571 15.28 -8.05 -18.22
N GLU A 572 14.12 -8.64 -18.49
CA GLU A 572 13.00 -7.89 -19.04
C GLU A 572 12.58 -6.77 -18.09
N ILE A 573 12.54 -7.10 -16.80
CA ILE A 573 12.20 -6.12 -15.77
C ILE A 573 13.24 -5.00 -15.73
N LEU A 574 14.52 -5.39 -15.70
CA LEU A 574 15.62 -4.44 -15.64
C LEU A 574 15.62 -3.55 -16.88
N SER A 575 15.37 -4.15 -18.04
CA SER A 575 15.35 -3.42 -19.30
C SER A 575 14.26 -2.35 -19.30
N GLU A 576 13.05 -2.73 -18.90
CA GLU A 576 11.94 -1.80 -18.89
C GLU A 576 12.19 -0.63 -17.94
N PHE A 577 12.87 -0.92 -16.83
CA PHE A 577 13.24 0.12 -15.88
C PHE A 577 14.27 1.05 -16.50
N TYR A 578 15.32 0.47 -17.09
CA TYR A 578 16.43 1.24 -17.63
C TYR A 578 15.98 2.38 -18.53
N TYR A 579 15.21 2.05 -19.57
CA TYR A 579 14.80 3.03 -20.56
C TYR A 579 13.92 4.13 -19.98
N VAL A 580 13.12 3.78 -18.97
CA VAL A 580 12.30 4.77 -18.28
C VAL A 580 13.18 5.64 -17.39
N ARG A 581 14.23 5.04 -16.83
CA ARG A 581 15.14 5.77 -15.97
C ARG A 581 16.02 6.72 -16.78
N LEU A 582 16.52 6.23 -17.91
CA LEU A 582 17.35 7.06 -18.79
C LEU A 582 16.57 8.29 -19.24
N GLU A 583 15.31 8.08 -19.62
CA GLU A 583 14.46 9.16 -20.08
C GLU A 583 14.32 10.26 -19.02
N TYR A 584 14.23 9.84 -17.76
CA TYR A 584 14.07 10.78 -16.65
C TYR A 584 15.36 11.45 -16.20
N TYR A 585 16.50 10.88 -16.58
CA TYR A 585 17.78 11.56 -16.39
C TYR A 585 18.00 12.78 -17.27
N GLN A 586 17.62 12.67 -18.54
CA GLN A 586 17.62 13.82 -19.44
C GLN A 586 16.54 14.79 -18.99
N LYS A 587 15.43 14.22 -18.54
CA LYS A 587 14.31 15.01 -18.04
C LYS A 587 14.67 15.72 -16.75
N ARG A 588 15.56 15.10 -15.96
CA ARG A 588 16.01 15.66 -14.70
C ARG A 588 16.89 16.88 -14.93
N LYS A 589 17.84 16.75 -15.86
CA LYS A 589 18.75 17.84 -16.20
C LYS A 589 17.99 19.03 -16.78
N ASP A 590 17.08 18.75 -17.72
CA ASP A 590 16.30 19.79 -18.37
C ASP A 590 15.52 20.62 -17.35
N HIS A 591 14.98 19.95 -16.34
CA HIS A 591 14.30 20.63 -15.23
C HIS A 591 15.22 21.46 -14.35
N MET A 592 16.38 20.90 -14.04
CA MET A 592 17.38 21.58 -13.22
C MET A 592 17.93 22.84 -13.87
N SER A 593 18.20 22.77 -15.15
CA SER A 593 18.70 23.92 -15.90
C SER A 593 17.66 25.03 -15.95
N GLU A 594 16.40 24.66 -16.21
CA GLU A 594 15.32 25.62 -16.23
C GLU A 594 15.20 26.32 -14.89
N ARG A 595 15.17 25.52 -13.82
CA ARG A 595 15.10 26.03 -12.46
C ARG A 595 16.29 26.92 -12.13
N LEU A 596 17.48 26.49 -12.53
CA LEU A 596 18.70 27.24 -12.27
C LEU A 596 18.71 28.58 -13.01
N GLN A 597 18.27 28.56 -14.27
CA GLN A 597 18.17 29.79 -15.05
C GLN A 597 17.25 30.78 -14.36
N TRP A 598 16.13 30.30 -13.83
CA TRP A 598 15.22 31.17 -13.13
C TRP A 598 15.84 31.76 -11.89
N GLU A 599 16.53 30.92 -11.13
CA GLU A 599 17.21 31.41 -9.93
C GLU A 599 18.21 32.50 -10.28
N VAL A 600 18.99 32.27 -11.34
CA VAL A 600 19.96 33.26 -11.79
C VAL A 600 19.28 34.59 -12.07
N GLU A 601 18.15 34.55 -12.77
CA GLU A 601 17.38 35.75 -13.03
C GLU A 601 16.96 36.39 -11.71
N LYS A 602 16.45 35.57 -10.81
CA LYS A 602 16.01 36.02 -9.49
C LYS A 602 17.13 36.74 -8.76
N TYR A 603 18.30 36.12 -8.72
CA TYR A 603 19.46 36.71 -8.06
C TYR A 603 19.91 37.99 -8.77
N SER A 604 19.93 37.95 -10.10
CA SER A 604 20.39 39.09 -10.88
C SER A 604 19.54 40.33 -10.68
N PHE A 605 18.22 40.16 -10.66
CA PHE A 605 17.31 41.28 -10.47
C PHE A 605 17.28 41.75 -9.01
N GLN A 606 17.64 40.86 -8.11
CA GLN A 606 17.79 41.23 -6.70
C GLN A 606 19.00 42.13 -6.53
N VAL A 607 20.08 41.78 -7.22
CA VAL A 607 21.30 42.60 -7.21
C VAL A 607 21.02 43.97 -7.82
N LYS A 608 20.35 43.98 -8.96
CA LYS A 608 19.98 45.22 -9.63
C LYS A 608 19.10 46.08 -8.72
N PHE A 609 18.20 45.42 -7.98
CA PHE A 609 17.30 46.11 -7.07
C PHE A 609 18.08 46.81 -5.97
N ILE A 610 18.97 46.07 -5.32
CA ILE A 610 19.80 46.63 -4.26
C ILE A 610 20.76 47.67 -4.83
N LYS A 611 21.40 47.33 -5.95
CA LYS A 611 22.37 48.20 -6.59
C LYS A 611 21.79 49.58 -6.88
N MET A 612 20.61 49.62 -7.49
CA MET A 612 19.96 50.88 -7.83
C MET A 612 19.67 51.70 -6.58
N ILE A 613 19.18 51.02 -5.54
CA ILE A 613 18.89 51.69 -4.28
C ILE A 613 20.15 52.32 -3.69
N ILE A 614 21.27 51.60 -3.78
CA ILE A 614 22.54 52.11 -3.29
C ILE A 614 22.99 53.31 -4.10
N GLU A 615 22.84 53.23 -5.41
CA GLU A 615 23.17 54.39 -6.22
C GLU A 615 22.25 55.51 -5.76
N LYS A 616 21.08 55.12 -5.28
CA LYS A 616 20.04 56.07 -4.88
C LYS A 616 19.20 56.46 -6.09
N GLU A 617 19.33 55.67 -7.16
CA GLU A 617 18.49 55.84 -8.34
C GLU A 617 17.05 55.45 -8.03
N LEU A 618 16.87 54.39 -7.25
CA LEU A 618 15.53 53.96 -6.87
C LEU A 618 15.26 54.18 -5.38
N THR A 619 14.08 54.70 -5.08
CA THR A 619 13.68 54.93 -3.69
C THR A 619 12.38 54.22 -3.36
N VAL A 620 12.41 53.41 -2.30
CA VAL A 620 11.22 52.67 -1.85
C VAL A 620 10.58 53.34 -0.65
N THR A 621 11.39 54.05 0.14
CA THR A 621 10.90 54.75 1.30
C THR A 621 9.68 55.60 0.94
N ASN A 622 8.56 55.34 1.60
CA ASN A 622 7.28 55.94 1.25
C ASN A 622 6.83 55.48 -0.14
N LYS A 623 6.16 56.36 -0.86
CA LYS A 623 5.69 55.99 -2.19
C LYS A 623 4.76 54.81 -2.07
N PRO A 624 3.46 55.05 -2.24
CA PRO A 624 2.48 53.97 -2.23
C PRO A 624 2.97 52.76 -3.00
N ARG A 625 2.75 51.56 -2.47
CA ARG A 625 3.25 50.36 -3.13
C ARG A 625 2.76 50.31 -4.57
N ASN A 626 1.59 50.89 -4.82
CA ASN A 626 1.04 50.98 -6.16
C ASN A 626 1.99 51.73 -7.10
N ALA A 627 2.59 52.79 -6.58
CA ALA A 627 3.52 53.61 -7.36
C ALA A 627 4.87 52.92 -7.51
N ILE A 628 5.27 52.16 -6.48
CA ILE A 628 6.52 51.42 -6.52
C ILE A 628 6.44 50.25 -7.50
N ILE A 629 5.30 49.57 -7.51
CA ILE A 629 5.08 48.45 -8.41
C ILE A 629 5.27 48.89 -9.87
N GLN A 630 4.69 50.04 -10.22
CA GLN A 630 4.82 50.55 -11.57
C GLN A 630 6.27 50.86 -11.93
N GLU A 631 7.00 51.43 -10.98
CA GLU A 631 8.41 51.73 -11.21
C GLU A 631 9.19 50.47 -11.55
N LEU A 632 8.93 49.40 -10.82
CA LEU A 632 9.66 48.14 -11.00
C LEU A 632 9.42 47.53 -12.38
N GLU A 633 8.16 47.48 -12.79
CA GLU A 633 7.80 46.91 -14.08
C GLU A 633 8.46 47.74 -15.15
N ASN A 634 8.44 49.05 -14.94
CA ASN A 634 8.93 49.99 -15.94
C ASN A 634 10.45 49.92 -16.07
N LEU A 635 11.09 49.32 -15.07
CA LEU A 635 12.54 49.16 -15.07
C LEU A 635 12.95 47.81 -15.63
N GLY A 636 11.96 46.96 -15.90
CA GLY A 636 12.22 45.65 -16.48
C GLY A 636 12.19 44.53 -15.46
N PHE A 637 11.90 44.86 -14.20
CA PHE A 637 11.84 43.81 -13.21
C PHE A 637 10.70 42.88 -13.53
N PRO A 638 10.99 41.59 -13.51
CA PRO A 638 9.98 40.55 -13.71
C PRO A 638 9.38 40.12 -12.38
N ARG A 639 8.11 39.70 -12.40
CA ARG A 639 7.45 39.19 -11.21
C ARG A 639 7.80 37.72 -11.00
N PHE A 640 7.76 37.27 -9.75
CA PHE A 640 8.03 35.88 -9.43
C PHE A 640 6.91 35.26 -8.60
N ASN A 641 6.50 34.07 -8.98
CA ASN A 641 5.52 33.32 -8.21
C ASN A 641 6.19 32.42 -7.18
N LYS A 642 5.39 31.66 -6.45
CA LYS A 642 5.91 30.81 -5.37
C LYS A 642 6.79 29.67 -5.88
N GLU A 643 6.56 29.24 -7.11
CA GLU A 643 7.38 28.18 -7.70
C GLU A 643 8.78 28.69 -8.00
N GLY A 644 8.87 29.94 -8.44
CA GLY A 644 10.15 30.54 -8.80
C GLY A 644 10.21 30.90 -10.27
N LYS A 645 9.06 30.83 -10.94
CA LYS A 645 8.98 31.13 -12.37
C LYS A 645 8.76 32.62 -12.61
N PRO A 646 9.60 33.22 -13.47
CA PRO A 646 9.55 34.65 -13.80
C PRO A 646 8.35 35.01 -14.69
N TYR A 647 7.97 36.28 -14.65
CA TYR A 647 6.98 36.84 -15.56
C TYR A 647 7.49 38.18 -16.10
N TYR A 648 7.50 38.37 -17.41
CA TYR A 648 7.87 39.65 -17.98
C TYR A 648 6.74 40.40 -18.68
N GLY A 649 5.54 39.86 -18.61
CA GLY A 649 4.43 40.34 -19.40
C GLY A 649 3.91 41.71 -19.01
N SER A 650 3.52 41.87 -17.74
CA SER A 650 2.90 43.08 -17.20
C SER A 650 1.38 42.95 -17.19
N GLU A 687 -1.35 37.32 -8.26
CA GLU A 687 -1.85 35.97 -8.43
C GLU A 687 -0.71 34.99 -8.72
N GLU A 688 -0.94 33.72 -8.40
CA GLU A 688 0.06 32.68 -8.65
C GLU A 688 0.40 32.59 -10.13
N LEU A 689 -0.53 33.00 -10.99
CA LEU A 689 -0.33 32.96 -12.43
C LEU A 689 0.71 33.99 -12.88
N TYR A 690 0.65 35.18 -12.31
CA TYR A 690 1.52 36.27 -12.74
C TYR A 690 2.74 36.44 -11.84
N GLY A 691 2.56 36.27 -10.54
CA GLY A 691 3.65 36.42 -9.59
C GLY A 691 3.62 37.77 -8.90
N THR A 692 4.60 38.01 -8.02
CA THR A 692 4.66 39.26 -7.28
C THR A 692 6.08 39.79 -7.21
N TYR A 693 6.24 41.00 -6.66
CA TYR A 693 7.55 41.58 -6.43
C TYR A 693 7.99 41.33 -4.99
N GLU A 694 7.51 40.21 -4.43
CA GLU A 694 7.84 39.83 -3.06
C GLU A 694 9.31 39.40 -2.96
N TYR A 695 9.89 39.00 -4.09
CA TYR A 695 11.27 38.55 -4.09
C TYR A 695 12.23 39.73 -3.97
N LEU A 696 11.68 40.94 -3.99
CA LEU A 696 12.47 42.15 -3.85
C LEU A 696 12.13 42.88 -2.55
N LEU A 697 10.88 43.34 -2.44
CA LEU A 697 10.43 44.06 -1.27
C LEU A 697 10.26 43.14 -0.06
N GLY A 698 10.28 41.84 -0.32
CA GLY A 698 10.14 40.85 0.74
C GLY A 698 11.43 40.56 1.45
N MET A 699 12.55 40.99 0.85
CA MET A 699 13.86 40.79 1.46
C MET A 699 13.94 41.55 2.78
N ARG A 700 14.73 41.03 3.71
CA ARG A 700 14.98 41.68 4.97
C ARG A 700 15.86 42.92 4.77
N ILE A 701 15.70 43.90 5.65
CA ILE A 701 16.52 45.11 5.53
C ILE A 701 18.00 44.77 5.61
N TRP A 702 18.31 43.62 6.21
CA TRP A 702 19.69 43.14 6.26
C TRP A 702 20.33 43.09 4.87
N SER A 703 19.54 42.68 3.89
CA SER A 703 20.05 42.46 2.53
C SER A 703 20.66 43.72 1.91
N LEU A 704 20.41 44.87 2.52
CA LEU A 704 20.93 46.14 2.01
C LEU A 704 22.36 46.39 2.46
N THR A 705 22.74 45.83 3.61
CA THR A 705 24.09 45.99 4.13
C THR A 705 25.11 45.36 3.18
N LYS A 706 26.28 45.98 3.08
CA LYS A 706 27.31 45.54 2.15
C LYS A 706 27.67 44.07 2.33
N GLU A 707 27.69 43.62 3.58
CA GLU A 707 28.07 42.25 3.89
C GLU A 707 27.06 41.25 3.32
N ARG A 708 25.79 41.67 3.28
CA ARG A 708 24.75 40.85 2.67
C ARG A 708 24.82 40.94 1.15
N TYR A 709 25.10 42.14 0.66
CA TYR A 709 25.21 42.37 -0.79
C TYR A 709 26.34 41.54 -1.38
N GLN A 710 27.43 41.40 -0.63
CA GLN A 710 28.57 40.60 -1.06
C GLN A 710 28.21 39.11 -1.08
N LYS A 711 27.52 38.66 -0.04
CA LYS A 711 27.08 37.27 0.05
C LYS A 711 26.13 36.96 -1.10
N LEU A 712 25.33 37.94 -1.47
CA LEU A 712 24.38 37.79 -2.57
C LEU A 712 25.11 37.59 -3.90
N LEU A 713 26.21 38.31 -4.07
CA LEU A 713 27.00 38.22 -5.29
C LEU A 713 27.69 36.87 -5.41
N LYS A 714 28.20 36.37 -4.29
CA LYS A 714 28.83 35.06 -4.25
C LYS A 714 27.83 33.98 -4.66
N GLN A 715 26.62 34.08 -4.12
CA GLN A 715 25.55 33.13 -4.41
C GLN A 715 25.21 33.12 -5.89
N LYS A 716 25.02 34.32 -6.46
CA LYS A 716 24.73 34.45 -7.88
C LYS A 716 25.82 33.82 -8.72
N GLN A 717 27.07 34.02 -8.32
CA GLN A 717 28.21 33.46 -9.03
C GLN A 717 28.23 31.95 -8.93
N GLU A 718 27.84 31.43 -7.77
CA GLU A 718 27.82 29.99 -7.55
C GLU A 718 26.72 29.32 -8.38
N LYS A 719 25.62 30.03 -8.60
CA LYS A 719 24.53 29.50 -9.41
C LYS A 719 24.90 29.47 -10.89
N GLU A 720 25.51 30.55 -11.37
CA GLU A 720 25.98 30.59 -12.75
C GLU A 720 26.92 29.42 -13.02
N THR A 721 27.79 29.15 -12.06
CA THR A 721 28.74 28.05 -12.18
C THR A 721 28.01 26.70 -12.20
N GLU A 722 27.02 26.56 -11.33
CA GLU A 722 26.22 25.33 -11.30
C GLU A 722 25.54 25.09 -12.64
N LEU A 723 25.10 26.16 -13.28
CA LEU A 723 24.43 26.07 -14.57
C LEU A 723 25.42 25.68 -15.67
N GLU A 724 26.63 26.23 -15.60
CA GLU A 724 27.66 25.93 -16.58
C GLU A 724 28.10 24.47 -16.49
N ASN A 725 28.37 24.01 -15.27
CA ASN A 725 28.77 22.63 -15.04
C ASN A 725 27.71 21.64 -15.51
N LEU A 726 26.46 21.95 -15.20
CA LEU A 726 25.34 21.08 -15.54
C LEU A 726 25.22 20.87 -17.05
N LEU A 727 25.32 21.95 -17.80
CA LEU A 727 25.18 21.90 -19.26
C LEU A 727 26.30 21.11 -19.91
N LYS A 728 27.35 20.82 -19.14
CA LYS A 728 28.51 20.09 -19.63
C LYS A 728 28.39 18.60 -19.37
N LEU A 729 27.20 18.16 -18.98
CA LEU A 729 26.99 16.76 -18.63
C LEU A 729 25.86 16.13 -19.43
N SER A 730 26.00 14.84 -19.73
CA SER A 730 24.95 14.09 -20.41
C SER A 730 24.15 13.31 -19.39
N ALA A 731 22.96 12.87 -19.79
CA ALA A 731 22.08 12.12 -18.89
C ALA A 731 22.81 10.95 -18.24
N LYS A 732 23.70 10.32 -19.00
CA LYS A 732 24.44 9.17 -18.50
C LYS A 732 25.58 9.60 -17.58
N ASP A 733 26.16 10.76 -17.84
CA ASP A 733 27.18 11.31 -16.96
C ASP A 733 26.62 11.50 -15.56
N ILE A 734 25.41 12.05 -15.49
CA ILE A 734 24.74 12.29 -14.21
C ILE A 734 24.35 10.97 -13.55
N TRP A 735 23.83 10.03 -14.34
CA TRP A 735 23.42 8.75 -13.82
C TRP A 735 24.62 8.01 -13.28
N ASN A 736 25.72 8.08 -14.01
CA ASN A 736 26.96 7.44 -13.58
C ASN A 736 27.50 8.09 -12.32
N THR A 737 27.25 9.39 -12.17
CA THR A 737 27.65 10.11 -10.97
C THR A 737 26.92 9.57 -9.74
N ASP A 738 25.61 9.39 -9.87
CA ASP A 738 24.80 8.86 -8.79
C ASP A 738 25.19 7.42 -8.46
N LEU A 739 25.48 6.64 -9.50
CA LEU A 739 25.81 5.24 -9.33
C LEU A 739 27.04 5.01 -8.48
N LYS A 740 28.10 5.78 -8.73
CA LYS A 740 29.33 5.63 -7.97
C LYS A 740 29.17 6.15 -6.55
N ALA A 741 28.34 7.18 -6.39
CA ALA A 741 28.03 7.70 -5.07
C ALA A 741 27.28 6.64 -4.26
N PHE A 742 26.43 5.88 -4.94
CA PHE A 742 25.68 4.80 -4.31
C PHE A 742 26.58 3.64 -3.95
N GLU A 743 27.50 3.31 -4.85
CA GLU A 743 28.43 2.20 -4.63
C GLU A 743 29.27 2.40 -3.38
N VAL A 744 29.70 3.64 -3.15
CA VAL A 744 30.48 3.97 -1.98
C VAL A 744 29.64 3.85 -0.71
N GLY A 745 28.42 4.35 -0.77
CA GLY A 745 27.50 4.28 0.37
C GLY A 745 27.05 2.86 0.63
N TYR A 746 26.84 2.09 -0.43
CA TYR A 746 26.40 0.70 -0.31
C TYR A 746 27.47 -0.14 0.37
N GLN A 747 28.73 0.16 0.11
CA GLN A 747 29.84 -0.58 0.72
C GLN A 747 29.87 -0.34 2.22
N GLU A 748 29.67 0.90 2.63
CA GLU A 748 29.58 1.24 4.05
C GLU A 748 28.41 0.50 4.67
N PHE A 749 27.28 0.51 3.97
CA PHE A 749 26.08 -0.17 4.42
C PHE A 749 26.34 -1.64 4.71
N LEU A 750 26.96 -2.33 3.76
CA LEU A 750 27.29 -3.74 3.92
C LEU A 750 28.16 -3.96 5.16
N GLN A 751 29.02 -2.98 5.45
CA GLN A 751 29.90 -3.05 6.62
C GLN A 751 29.09 -2.92 7.90
N ARG A 752 28.32 -1.83 8.00
CA ARG A 752 27.46 -1.59 9.14
C ARG A 752 26.51 -2.76 9.40
N ASP A 753 26.07 -3.38 8.31
CA ASP A 753 25.15 -4.52 8.41
C ASP A 753 25.83 -5.76 8.97
N ALA A 754 27.05 -6.04 8.48
CA ALA A 754 27.80 -7.19 8.95
C ALA A 754 28.33 -6.95 10.36
N GLU A 755 28.52 -5.68 10.71
CA GLU A 755 28.91 -5.25 12.04
C GLU A 755 27.83 -5.53 13.07
N ALA A 756 26.58 -5.34 12.68
CA ALA A 756 25.44 -5.43 13.59
C ALA A 756 24.81 -6.82 13.58
N ARG A 757 25.58 -7.81 13.16
CA ARG A 757 25.10 -9.20 13.13
C ARG A 757 26.21 -10.18 13.46
ZN ZN F . -8.26 9.45 -1.12
ZN ZN G . -14.45 -1.86 7.67
ZN ZN H . -13.19 0.90 6.04
ZN ZN I . 5.80 1.59 -21.66
ZN ZN J . -28.45 11.82 2.76
ZN ZN K . -37.62 -7.59 -11.41
ZN ZN L . -7.32 1.22 -0.76
P TSP M . -8.31 -1.35 6.24
OP1 TSP M . -9.02 -0.17 5.65
OP2 TSP M . -7.32 -1.16 7.26
O5' TSP M . -9.28 -2.51 6.45
C5' TSP M . -10.28 -2.80 5.53
C4' TSP M . -11.09 -4.01 5.96
O4' TSP M . -10.20 -5.15 6.10
C3' TSP M . -11.76 -3.91 7.32
S3' TSP M . -13.01 -3.25 7.22
C2' TSP M . -11.95 -5.37 7.69
C1' TSP M . -10.71 -6.03 7.09
N1 TSP M . -9.64 -6.32 8.09
C2 TSP M . -9.66 -7.51 8.78
O2 TSP M . -10.52 -8.36 8.61
N3 TSP M . -8.64 -7.67 9.68
C4 TSP M . -7.63 -6.78 9.96
O4 TSP M . -6.75 -7.01 10.78
C5 TSP M . -7.66 -5.55 9.21
C5M TSP M . -6.60 -4.51 9.41
C6 TSP M . -8.65 -5.38 8.32
ZN ZN N . -3.15 -11.60 15.87
#